data_6U3V
#
_entry.id   6U3V
#
_cell.length_a   138.103
_cell.length_b   138.103
_cell.length_c   192.940
_cell.angle_alpha   90.000
_cell.angle_beta   90.000
_cell.angle_gamma   120.000
#
_symmetry.space_group_name_H-M   'P 31 2 1'
#
loop_
_entity.id
_entity.type
_entity.pdbx_description
1 polymer 'Coatomer subunit epsilon'
2 polymer 'Coatomer subunit alpha'
#
loop_
_entity_poly.entity_id
_entity_poly.type
_entity_poly.pdbx_seq_one_letter_code
_entity_poly.pdbx_strand_id
1 'polypeptide(L)'
;MGSSHHHHHHSQDPMAPPAPGPASGGSGEVDELFDVKNAFYIGSYQQCINEAQRVKLSSPERDVERDVFLYRAYLAQRKF
GVVLDEIKPSSAPELQAVRMFADYLAHESRRDSIVAELDREMSRSVDVTNTTFLLMAASIYLHDQNPDAALRALHQGDSL
ECTAMTVQILLKLDRLDLARKELKRMQDLDEDATLTQLATAWVSLATGGEKLQDAYYIFQEMADKCSPTLLLLNGQAACH
MAQGRWEAAEGLLQEALDKDSGYPETLVNLIVLSQHLGKPPEVTNRYLSQLKDAHRSHPFIKEYQAKENDFDRLVLQYAP
SA
;
A,C
2 'polypeptide(L)'
;MIDIDTVGTEGWGEDAELQLPPELDISPGAAGGAEDGFFVPPTKGTSPTQIWCNNSQLPVDHILAGSFETAMRLLHDQVG
VIQFGPYKQLFLQTYARGRTTYQALPCLPSMYGYPNRNWKDAGLKNGVPAVGLKLNDLIQRLQLCYQLTTVGKFEEAVEK
FRSILLSVPLLVVDNKQEIAEAQQLITICREYIVGLSVETERKKLPKETLEQQKRICEMAAYFTHSNLQPVHMILVLRTA
LNLFFKLKNFKTAATFARRLLELGPKPEVAQQTRKILSACEKNPTDAYQLNYDMHNPFDICAASYRPIYRGKPVEKCPLS
GACYSPEFKGQICRVTTVTEIGKDVIGLRISPLQFR
;
B,D
#
# COMPACT_ATOMS: atom_id res chain seq x y z
N VAL A 30 -46.20 -39.91 -6.27
CA VAL A 30 -44.78 -39.62 -6.17
C VAL A 30 -43.96 -40.51 -7.12
N ASP A 31 -42.87 -39.93 -7.62
CA ASP A 31 -42.02 -40.52 -8.66
C ASP A 31 -40.97 -41.43 -8.06
N GLU A 32 -41.02 -42.72 -8.39
CA GLU A 32 -40.09 -43.69 -7.79
C GLU A 32 -38.65 -43.41 -8.17
N LEU A 33 -38.44 -42.75 -9.31
CA LEU A 33 -37.13 -42.41 -9.84
C LEU A 33 -36.69 -40.98 -9.48
N PHE A 34 -37.26 -40.38 -8.44
CA PHE A 34 -36.91 -39.01 -8.09
C PHE A 34 -35.44 -38.91 -7.70
N ASP A 35 -34.97 -39.78 -6.81
CA ASP A 35 -33.57 -39.69 -6.39
C ASP A 35 -32.63 -39.94 -7.57
N VAL A 36 -32.99 -40.89 -8.44
CA VAL A 36 -32.13 -41.24 -9.57
C VAL A 36 -31.96 -40.06 -10.50
N LYS A 37 -33.06 -39.47 -10.95
CA LYS A 37 -32.95 -38.35 -11.88
C LYS A 37 -32.26 -37.15 -11.24
N ASN A 38 -32.53 -36.89 -9.96
CA ASN A 38 -31.92 -35.77 -9.25
C ASN A 38 -30.40 -35.90 -9.21
N ALA A 39 -29.91 -37.09 -8.83
CA ALA A 39 -28.46 -37.32 -8.80
C ALA A 39 -27.82 -37.03 -10.16
N PHE A 40 -28.45 -37.52 -11.24
CA PHE A 40 -27.91 -37.28 -12.57
C PHE A 40 -27.80 -35.79 -12.89
N TYR A 41 -28.89 -35.04 -12.75
CA TYR A 41 -28.93 -33.68 -13.29
C TYR A 41 -27.98 -32.73 -12.54
N ILE A 42 -27.69 -33.00 -11.27
CA ILE A 42 -26.74 -32.19 -10.51
C ILE A 42 -25.31 -32.70 -10.65
N GLY A 43 -25.06 -33.70 -11.47
CA GLY A 43 -23.71 -34.18 -11.72
C GLY A 43 -23.17 -35.18 -10.74
N SER A 44 -24.03 -35.88 -10.01
CA SER A 44 -23.61 -36.88 -9.04
C SER A 44 -23.79 -38.27 -9.65
N TYR A 45 -22.97 -38.55 -10.66
CA TYR A 45 -23.26 -39.69 -11.53
C TYR A 45 -23.18 -41.01 -10.79
N GLN A 46 -22.24 -41.16 -9.85
CA GLN A 46 -22.09 -42.47 -9.24
C GLN A 46 -23.25 -42.77 -8.30
N GLN A 47 -23.73 -41.74 -7.62
CA GLN A 47 -24.92 -41.89 -6.79
C GLN A 47 -26.13 -42.25 -7.65
N CYS A 48 -26.23 -41.65 -8.85
CA CYS A 48 -27.26 -42.07 -9.77
C CYS A 48 -27.12 -43.55 -10.10
N ILE A 49 -25.91 -43.97 -10.48
CA ILE A 49 -25.69 -45.37 -10.85
C ILE A 49 -26.03 -46.30 -9.67
N ASN A 50 -25.59 -45.94 -8.46
CA ASN A 50 -25.85 -46.77 -7.29
C ASN A 50 -27.36 -46.86 -7.00
N GLU A 51 -28.06 -45.72 -7.02
CA GLU A 51 -29.47 -45.78 -6.68
C GLU A 51 -30.32 -46.34 -7.80
N ALA A 52 -29.83 -46.34 -9.04
CA ALA A 52 -30.61 -46.98 -10.11
C ALA A 52 -30.56 -48.49 -9.96
N GLN A 53 -29.41 -49.03 -9.56
CA GLN A 53 -29.32 -50.47 -9.36
C GLN A 53 -30.07 -50.98 -8.13
N ARG A 54 -30.58 -50.10 -7.24
CA ARG A 54 -31.33 -50.54 -6.05
C ARG A 54 -32.85 -50.48 -6.15
N VAL A 55 -33.43 -49.70 -7.04
CA VAL A 55 -34.88 -49.52 -6.96
C VAL A 55 -35.59 -50.76 -7.49
N LYS A 56 -36.80 -50.98 -6.96
CA LYS A 56 -37.64 -52.14 -7.27
C LYS A 56 -38.50 -51.89 -8.50
N LEU A 57 -38.60 -52.92 -9.34
CA LEU A 57 -39.18 -52.83 -10.68
C LEU A 57 -40.71 -52.82 -10.58
N SER A 58 -41.27 -51.62 -10.35
CA SER A 58 -42.70 -51.44 -10.17
C SER A 58 -43.45 -51.09 -11.47
N SER A 59 -42.96 -51.55 -12.63
CA SER A 59 -43.54 -51.27 -13.95
C SER A 59 -42.57 -51.76 -15.03
N PRO A 60 -42.98 -51.84 -16.31
CA PRO A 60 -41.99 -51.96 -17.39
C PRO A 60 -41.67 -50.62 -18.04
N GLU A 61 -42.59 -49.66 -17.89
CA GLU A 61 -42.35 -48.29 -18.32
C GLU A 61 -41.26 -47.65 -17.49
N ARG A 62 -41.44 -47.68 -16.16
CA ARG A 62 -40.39 -47.21 -15.27
C ARG A 62 -39.11 -48.01 -15.44
N ASP A 63 -39.22 -49.30 -15.69
CA ASP A 63 -38.04 -50.13 -15.80
C ASP A 63 -37.10 -49.58 -16.88
N VAL A 64 -37.64 -49.27 -18.07
CA VAL A 64 -36.83 -48.71 -19.15
C VAL A 64 -36.33 -47.32 -18.80
N GLU A 65 -37.17 -46.50 -18.16
CA GLU A 65 -36.78 -45.15 -17.78
C GLU A 65 -35.60 -45.16 -16.83
N ARG A 66 -35.60 -46.10 -15.87
CA ARG A 66 -34.45 -46.23 -14.99
C ARG A 66 -33.20 -46.56 -15.78
N ASP A 67 -33.29 -47.54 -16.67
CA ASP A 67 -32.13 -47.92 -17.46
C ASP A 67 -31.60 -46.74 -18.28
N VAL A 68 -32.49 -45.88 -18.79
CA VAL A 68 -31.99 -44.73 -19.55
C VAL A 68 -31.06 -43.88 -18.70
N PHE A 69 -31.47 -43.57 -17.46
CA PHE A 69 -30.60 -42.74 -16.61
C PHE A 69 -29.36 -43.48 -16.18
N LEU A 70 -29.48 -44.77 -15.88
CA LEU A 70 -28.30 -45.57 -15.59
C LEU A 70 -27.25 -45.40 -16.68
N TYR A 71 -27.66 -45.57 -17.93
CA TYR A 71 -26.68 -45.51 -19.00
C TYR A 71 -26.25 -44.08 -19.31
N ARG A 72 -27.16 -43.07 -19.22
CA ARG A 72 -26.69 -41.69 -19.40
C ARG A 72 -25.68 -41.34 -18.31
N ALA A 73 -25.83 -41.91 -17.11
CA ALA A 73 -24.81 -41.67 -16.10
C ALA A 73 -23.47 -42.28 -16.50
N TYR A 74 -23.47 -43.50 -17.05
CA TYR A 74 -22.22 -44.03 -17.59
C TYR A 74 -21.66 -43.15 -18.71
N LEU A 75 -22.52 -42.60 -19.58
CA LEU A 75 -22.01 -41.62 -20.55
C LEU A 75 -21.30 -40.49 -19.85
N ALA A 76 -21.93 -39.96 -18.80
CA ALA A 76 -21.39 -38.78 -18.14
C ALA A 76 -20.04 -39.06 -17.49
N GLN A 77 -19.80 -40.30 -17.07
CA GLN A 77 -18.52 -40.76 -16.55
C GLN A 77 -17.54 -41.15 -17.64
N ARG A 78 -17.85 -40.85 -18.90
CA ARG A 78 -17.01 -41.21 -20.04
C ARG A 78 -16.81 -42.73 -20.19
N LYS A 79 -17.68 -43.55 -19.60
CA LYS A 79 -17.57 -45.01 -19.73
C LYS A 79 -18.48 -45.51 -20.87
N PHE A 80 -18.13 -45.08 -22.10
CA PHE A 80 -18.93 -45.44 -23.27
C PHE A 80 -18.95 -46.92 -23.56
N GLY A 81 -17.93 -47.65 -23.11
CA GLY A 81 -17.91 -49.08 -23.34
C GLY A 81 -19.07 -49.79 -22.68
N VAL A 82 -19.41 -49.39 -21.45
CA VAL A 82 -20.58 -49.95 -20.78
C VAL A 82 -21.83 -49.72 -21.60
N VAL A 83 -22.04 -48.45 -22.01
CA VAL A 83 -23.24 -48.16 -22.76
C VAL A 83 -23.25 -48.94 -24.07
N LEU A 84 -22.10 -49.00 -24.75
CA LEU A 84 -22.05 -49.60 -26.09
C LEU A 84 -22.20 -51.11 -26.05
N ASP A 85 -21.61 -51.76 -25.04
CA ASP A 85 -21.68 -53.22 -25.00
C ASP A 85 -23.07 -53.69 -24.58
N GLU A 86 -23.70 -53.00 -23.62
CA GLU A 86 -24.86 -53.58 -22.97
C GLU A 86 -26.19 -53.24 -23.65
N ILE A 87 -26.27 -52.18 -24.45
CA ILE A 87 -27.51 -51.91 -25.18
C ILE A 87 -27.46 -52.66 -26.50
N LYS A 88 -28.29 -53.64 -26.62
CA LYS A 88 -28.25 -54.51 -27.77
C LYS A 88 -29.32 -54.13 -28.80
N PRO A 89 -29.33 -54.77 -29.98
CA PRO A 89 -30.39 -54.45 -30.95
C PRO A 89 -31.78 -54.83 -30.48
N SER A 90 -31.90 -55.71 -29.49
CA SER A 90 -33.18 -56.05 -28.88
C SER A 90 -33.62 -55.05 -27.82
N SER A 91 -32.76 -54.10 -27.44
CA SER A 91 -33.05 -53.19 -26.35
C SER A 91 -34.13 -52.19 -26.72
N ALA A 92 -34.75 -51.60 -25.71
CA ALA A 92 -35.85 -50.67 -25.91
C ALA A 92 -35.43 -49.47 -26.74
N PRO A 93 -36.34 -48.91 -27.52
CA PRO A 93 -36.03 -47.71 -28.31
C PRO A 93 -35.39 -46.56 -27.53
N GLU A 94 -35.84 -46.27 -26.31
CA GLU A 94 -35.21 -45.20 -25.54
C GLU A 94 -33.73 -45.49 -25.34
N LEU A 95 -33.38 -46.76 -25.09
CA LEU A 95 -31.98 -47.14 -24.94
C LEU A 95 -31.21 -47.06 -26.25
N GLN A 96 -31.86 -47.37 -27.38
CA GLN A 96 -31.19 -47.19 -28.67
C GLN A 96 -30.74 -45.76 -28.86
N ALA A 97 -31.48 -44.82 -28.29
CA ALA A 97 -31.16 -43.42 -28.45
C ALA A 97 -29.96 -43.04 -27.60
N VAL A 98 -29.90 -43.53 -26.36
CA VAL A 98 -28.69 -43.36 -25.58
C VAL A 98 -27.51 -44.00 -26.28
N ARG A 99 -27.71 -45.19 -26.87
CA ARG A 99 -26.57 -45.86 -27.51
C ARG A 99 -26.09 -45.11 -28.74
N MET A 100 -27.00 -44.54 -29.51
CA MET A 100 -26.64 -43.64 -30.60
C MET A 100 -25.70 -42.54 -30.10
N PHE A 101 -26.10 -41.84 -29.05
CA PHE A 101 -25.26 -40.78 -28.49
C PHE A 101 -23.94 -41.35 -28.00
N ALA A 102 -23.95 -42.56 -27.46
CA ALA A 102 -22.71 -43.15 -26.98
C ALA A 102 -21.74 -43.37 -28.13
N ASP A 103 -22.23 -43.92 -29.25
CA ASP A 103 -21.43 -44.07 -30.46
C ASP A 103 -20.77 -42.76 -30.88
N TYR A 104 -21.56 -41.68 -30.94
CA TYR A 104 -21.00 -40.40 -31.37
C TYR A 104 -19.88 -39.92 -30.46
N LEU A 105 -20.09 -39.97 -29.13
CA LEU A 105 -19.05 -39.46 -28.22
C LEU A 105 -17.80 -40.34 -28.25
N ALA A 106 -17.97 -41.63 -28.54
CA ALA A 106 -16.89 -42.60 -28.41
C ALA A 106 -16.05 -42.71 -29.67
N HIS A 107 -16.65 -42.45 -30.83
CA HIS A 107 -16.03 -42.75 -32.12
C HIS A 107 -15.98 -41.50 -32.99
N GLU A 108 -14.92 -40.71 -32.81
CA GLU A 108 -14.77 -39.48 -33.58
C GLU A 108 -14.86 -39.73 -35.09
N SER A 109 -14.25 -40.82 -35.58
CA SER A 109 -14.30 -41.05 -37.03
C SER A 109 -15.74 -41.25 -37.54
N ARG A 110 -16.67 -41.72 -36.72
CA ARG A 110 -18.03 -42.03 -37.17
C ARG A 110 -19.00 -40.87 -37.05
N ARG A 111 -18.58 -39.71 -36.51
CA ARG A 111 -19.51 -38.65 -36.14
C ARG A 111 -20.24 -38.07 -37.33
N ASP A 112 -19.50 -37.71 -38.38
CA ASP A 112 -20.17 -37.14 -39.55
C ASP A 112 -21.18 -38.12 -40.14
N SER A 113 -20.87 -39.41 -40.11
CA SER A 113 -21.83 -40.34 -40.69
C SER A 113 -23.05 -40.55 -39.81
N ILE A 114 -22.86 -40.48 -38.48
CA ILE A 114 -24.00 -40.58 -37.57
C ILE A 114 -24.94 -39.41 -37.78
N VAL A 115 -24.37 -38.20 -37.77
CA VAL A 115 -25.18 -37.00 -38.02
C VAL A 115 -25.91 -37.09 -39.36
N ALA A 116 -25.23 -37.55 -40.42
CA ALA A 116 -25.92 -37.71 -41.69
C ALA A 116 -27.14 -38.60 -41.55
N GLU A 117 -26.97 -39.74 -40.88
CA GLU A 117 -28.10 -40.65 -40.68
C GLU A 117 -29.17 -40.01 -39.80
N LEU A 118 -28.74 -39.26 -38.77
CA LEU A 118 -29.69 -38.57 -37.92
C LEU A 118 -30.53 -37.57 -38.70
N ASP A 119 -29.93 -36.83 -39.63
CA ASP A 119 -30.73 -35.92 -40.44
C ASP A 119 -31.78 -36.69 -41.23
N ARG A 120 -31.39 -37.86 -41.74
CA ARG A 120 -32.31 -38.65 -42.53
C ARG A 120 -33.46 -39.16 -41.67
N GLU A 121 -33.17 -39.63 -40.43
CA GLU A 121 -34.24 -40.07 -39.54
C GLU A 121 -35.24 -38.97 -39.29
N MET A 122 -34.74 -37.80 -38.89
CA MET A 122 -35.61 -36.71 -38.49
C MET A 122 -36.46 -36.26 -39.66
N SER A 123 -35.89 -36.28 -40.88
CA SER A 123 -36.66 -35.91 -42.05
C SER A 123 -37.68 -36.96 -42.45
N ARG A 124 -37.54 -38.20 -41.95
CA ARG A 124 -38.41 -39.29 -42.37
C ARG A 124 -39.61 -39.44 -41.45
N SER A 125 -39.38 -39.77 -40.19
CA SER A 125 -40.44 -39.81 -39.19
C SER A 125 -39.85 -40.17 -37.84
N VAL A 126 -40.30 -39.46 -36.80
CA VAL A 126 -39.84 -39.63 -35.44
C VAL A 126 -41.05 -39.85 -34.53
N ASP A 127 -40.90 -40.70 -33.51
CA ASP A 127 -41.93 -40.76 -32.48
C ASP A 127 -41.71 -39.55 -31.57
N VAL A 128 -42.68 -38.64 -31.61
CA VAL A 128 -42.61 -37.37 -30.90
C VAL A 128 -42.80 -37.58 -29.41
N THR A 129 -43.45 -38.65 -29.00
CA THR A 129 -43.63 -38.92 -27.60
C THR A 129 -42.39 -39.50 -26.96
N ASN A 130 -41.42 -39.94 -27.77
CA ASN A 130 -40.15 -40.48 -27.27
C ASN A 130 -39.21 -39.32 -26.97
N THR A 131 -39.44 -38.68 -25.82
CA THR A 131 -38.59 -37.54 -25.46
C THR A 131 -37.15 -37.96 -25.28
N THR A 132 -36.91 -39.23 -24.88
CA THR A 132 -35.53 -39.65 -24.69
C THR A 132 -34.78 -39.60 -26.02
N PHE A 133 -35.45 -39.96 -27.13
CA PHE A 133 -34.80 -39.90 -28.44
C PHE A 133 -34.52 -38.46 -28.87
N LEU A 134 -35.45 -37.53 -28.57
CA LEU A 134 -35.22 -36.16 -28.98
C LEU A 134 -34.06 -35.52 -28.21
N LEU A 135 -33.95 -35.78 -26.89
CA LEU A 135 -32.82 -35.29 -26.11
C LEU A 135 -31.51 -35.90 -26.57
N MET A 136 -31.53 -37.18 -26.95
CA MET A 136 -30.33 -37.77 -27.53
C MET A 136 -30.07 -37.19 -28.92
N ALA A 137 -31.11 -36.92 -29.71
CA ALA A 137 -30.85 -36.26 -30.99
C ALA A 137 -30.27 -34.88 -30.74
N ALA A 138 -30.92 -34.07 -29.90
CA ALA A 138 -30.45 -32.71 -29.65
C ALA A 138 -29.08 -32.71 -29.01
N SER A 139 -28.78 -33.68 -28.14
CA SER A 139 -27.43 -33.77 -27.58
C SER A 139 -26.39 -33.90 -28.69
N ILE A 140 -26.66 -34.77 -29.66
CA ILE A 140 -25.72 -34.99 -30.76
C ILE A 140 -25.55 -33.71 -31.57
N TYR A 141 -26.66 -33.04 -31.89
CA TYR A 141 -26.56 -31.82 -32.70
C TYR A 141 -25.78 -30.73 -31.97
N LEU A 142 -26.03 -30.55 -30.67
CA LEU A 142 -25.29 -29.53 -29.92
C LEU A 142 -23.80 -29.76 -30.01
N HIS A 143 -23.36 -31.02 -29.87
CA HIS A 143 -21.94 -31.33 -29.98
C HIS A 143 -21.46 -31.08 -31.40
N ASP A 144 -22.30 -31.37 -32.38
CA ASP A 144 -22.00 -31.10 -33.77
C ASP A 144 -22.18 -29.64 -34.12
N GLN A 145 -22.30 -28.76 -33.13
CA GLN A 145 -22.35 -27.31 -33.34
C GLN A 145 -23.48 -26.92 -34.28
N ASN A 146 -24.66 -27.50 -34.03
CA ASN A 146 -25.86 -27.34 -34.86
C ASN A 146 -27.06 -27.05 -33.96
N PRO A 147 -27.09 -25.89 -33.33
CA PRO A 147 -28.21 -25.59 -32.44
C PRO A 147 -29.55 -25.48 -33.15
N ASP A 148 -29.57 -25.10 -34.43
CA ASP A 148 -30.87 -25.04 -35.09
C ASP A 148 -31.51 -26.41 -35.14
N ALA A 149 -30.74 -27.43 -35.52
CA ALA A 149 -31.24 -28.78 -35.58
C ALA A 149 -31.68 -29.27 -34.22
N ALA A 150 -30.89 -28.94 -33.18
CA ALA A 150 -31.20 -29.41 -31.84
C ALA A 150 -32.46 -28.74 -31.33
N LEU A 151 -32.68 -27.47 -31.63
CA LEU A 151 -33.92 -26.82 -31.21
C LEU A 151 -35.09 -27.34 -32.00
N ARG A 152 -34.86 -27.63 -33.28
CA ARG A 152 -35.92 -28.18 -34.13
C ARG A 152 -36.37 -29.54 -33.60
N ALA A 153 -35.46 -30.33 -33.03
CA ALA A 153 -35.85 -31.61 -32.48
C ALA A 153 -36.58 -31.44 -31.16
N LEU A 154 -36.03 -30.60 -30.28
CA LEU A 154 -36.62 -30.41 -28.97
C LEU A 154 -37.96 -29.74 -29.07
N HIS A 155 -38.18 -28.97 -30.13
CA HIS A 155 -39.48 -28.33 -30.28
C HIS A 155 -40.61 -29.33 -30.32
N GLN A 156 -40.33 -30.55 -30.78
CA GLN A 156 -41.34 -31.57 -31.02
C GLN A 156 -41.72 -32.33 -29.77
N GLY A 157 -41.01 -32.15 -28.69
CA GLY A 157 -41.25 -32.93 -27.52
C GLY A 157 -41.98 -32.13 -26.50
N ASP A 158 -42.63 -32.83 -25.56
CA ASP A 158 -43.28 -32.21 -24.42
C ASP A 158 -42.79 -32.90 -23.15
N SER A 159 -41.77 -32.32 -22.52
CA SER A 159 -41.24 -32.85 -21.27
C SER A 159 -40.38 -31.78 -20.61
N LEU A 160 -40.14 -31.96 -19.30
CA LEU A 160 -39.45 -30.93 -18.55
C LEU A 160 -37.99 -30.81 -18.97
N GLU A 161 -37.30 -31.93 -19.16
CA GLU A 161 -35.92 -31.83 -19.63
C GLU A 161 -35.85 -31.26 -21.05
N CYS A 162 -36.86 -31.48 -21.89
CA CYS A 162 -36.83 -30.87 -23.21
C CYS A 162 -36.88 -29.35 -23.09
N THR A 163 -37.72 -28.83 -22.21
CA THR A 163 -37.73 -27.39 -21.96
C THR A 163 -36.41 -26.94 -21.35
N ALA A 164 -35.93 -27.70 -20.36
CA ALA A 164 -34.70 -27.30 -19.68
C ALA A 164 -33.55 -27.25 -20.67
N MET A 165 -33.48 -28.24 -21.58
CA MET A 165 -32.43 -28.21 -22.58
C MET A 165 -32.63 -27.07 -23.55
N THR A 166 -33.91 -26.68 -23.80
CA THR A 166 -34.13 -25.52 -24.65
C THR A 166 -33.64 -24.24 -23.99
N VAL A 167 -33.90 -24.07 -22.69
CA VAL A 167 -33.39 -22.93 -21.93
C VAL A 167 -31.88 -22.82 -22.08
N GLN A 168 -31.16 -23.93 -21.89
CA GLN A 168 -29.71 -23.90 -22.05
C GLN A 168 -29.30 -23.48 -23.45
N ILE A 169 -29.97 -23.98 -24.49
CA ILE A 169 -29.49 -23.66 -25.83
C ILE A 169 -29.77 -22.20 -26.13
N LEU A 170 -30.95 -21.70 -25.71
CA LEU A 170 -31.27 -20.29 -25.92
C LEU A 170 -30.32 -19.38 -25.17
N LEU A 171 -29.86 -19.80 -23.98
CA LEU A 171 -28.88 -18.99 -23.28
C LEU A 171 -27.55 -18.94 -24.05
N LYS A 172 -27.13 -20.07 -24.62
CA LYS A 172 -25.89 -20.07 -25.41
C LYS A 172 -26.05 -19.18 -26.65
N LEU A 173 -27.26 -19.08 -27.17
CA LEU A 173 -27.50 -18.20 -28.32
C LEU A 173 -27.69 -16.74 -27.90
N ASP A 174 -27.44 -16.42 -26.63
CA ASP A 174 -27.56 -15.06 -26.11
C ASP A 174 -28.97 -14.51 -26.34
N ARG A 175 -29.96 -15.40 -26.32
CA ARG A 175 -31.33 -14.99 -26.38
C ARG A 175 -31.96 -15.21 -25.00
N LEU A 176 -31.47 -14.42 -24.05
CA LEU A 176 -32.03 -14.45 -22.70
C LEU A 176 -33.51 -14.11 -22.70
N ASP A 177 -33.99 -13.35 -23.69
CA ASP A 177 -35.42 -13.04 -23.76
C ASP A 177 -36.22 -14.32 -24.02
N LEU A 178 -35.82 -15.11 -25.02
CA LEU A 178 -36.50 -16.37 -25.33
C LEU A 178 -36.32 -17.38 -24.20
N ALA A 179 -35.13 -17.40 -23.57
CA ALA A 179 -34.90 -18.31 -22.45
C ALA A 179 -35.89 -18.08 -21.32
N ARG A 180 -36.12 -16.82 -20.97
CA ARG A 180 -37.06 -16.49 -19.91
C ARG A 180 -38.46 -17.04 -20.19
N LYS A 181 -38.88 -17.06 -21.47
CA LYS A 181 -40.23 -17.55 -21.74
C LYS A 181 -40.32 -19.05 -21.54
N GLU A 182 -39.30 -19.80 -21.99
CA GLU A 182 -39.33 -21.23 -21.76
C GLU A 182 -39.19 -21.54 -20.28
N LEU A 183 -38.30 -20.83 -19.58
CA LEU A 183 -38.23 -21.01 -18.12
C LEU A 183 -39.58 -20.74 -17.49
N LYS A 184 -40.28 -19.71 -17.93
CA LYS A 184 -41.58 -19.44 -17.33
C LYS A 184 -42.53 -20.62 -17.54
N ARG A 185 -42.42 -21.30 -18.69
CA ARG A 185 -43.20 -22.51 -18.87
C ARG A 185 -42.92 -23.54 -17.78
N MET A 186 -41.65 -23.74 -17.42
CA MET A 186 -41.32 -24.75 -16.41
C MET A 186 -41.81 -24.33 -15.04
N GLN A 187 -41.77 -23.01 -14.77
CA GLN A 187 -42.18 -22.50 -13.47
C GLN A 187 -43.68 -22.68 -13.24
N ASP A 188 -44.49 -22.50 -14.28
CA ASP A 188 -45.93 -22.74 -14.11
C ASP A 188 -46.23 -24.23 -13.93
N LEU A 189 -45.44 -25.12 -14.55
CA LEU A 189 -45.77 -26.54 -14.52
C LEU A 189 -45.29 -27.19 -13.22
N ASP A 190 -44.08 -26.88 -12.76
CA ASP A 190 -43.51 -27.51 -11.55
C ASP A 190 -42.39 -26.61 -10.99
N GLU A 191 -42.77 -25.73 -10.04
CA GLU A 191 -41.80 -24.79 -9.46
C GLU A 191 -40.67 -25.52 -8.76
N ASP A 192 -40.99 -26.59 -8.03
CA ASP A 192 -40.02 -27.22 -7.14
C ASP A 192 -39.15 -28.29 -7.80
N ALA A 193 -39.36 -28.58 -9.08
CA ALA A 193 -38.58 -29.62 -9.73
C ALA A 193 -37.11 -29.24 -9.82
N THR A 194 -36.25 -30.26 -9.89
CA THR A 194 -34.83 -29.99 -9.94
C THR A 194 -34.43 -29.30 -11.24
N LEU A 195 -34.99 -29.74 -12.37
CA LEU A 195 -34.67 -29.03 -13.61
C LEU A 195 -35.13 -27.59 -13.58
N THR A 196 -36.25 -27.28 -12.89
CA THR A 196 -36.70 -25.90 -12.91
C THR A 196 -35.77 -25.03 -12.09
N GLN A 197 -35.38 -25.51 -10.92
CA GLN A 197 -34.39 -24.80 -10.11
C GLN A 197 -33.10 -24.56 -10.91
N LEU A 198 -32.60 -25.61 -11.57
CA LEU A 198 -31.36 -25.48 -12.32
C LEU A 198 -31.51 -24.45 -13.44
N ALA A 199 -32.62 -24.52 -14.17
CA ALA A 199 -32.86 -23.55 -15.23
C ALA A 199 -32.98 -22.15 -14.66
N THR A 200 -33.62 -22.01 -13.50
CA THR A 200 -33.66 -20.71 -12.85
C THR A 200 -32.25 -20.19 -12.56
N ALA A 201 -31.36 -21.07 -12.10
CA ALA A 201 -30.00 -20.64 -11.82
C ALA A 201 -29.29 -20.21 -13.10
N TRP A 202 -29.39 -21.01 -14.17
CA TRP A 202 -28.76 -20.62 -15.44
C TRP A 202 -29.32 -19.31 -15.94
N VAL A 203 -30.63 -19.12 -15.85
CA VAL A 203 -31.21 -17.87 -16.32
C VAL A 203 -30.74 -16.71 -15.44
N SER A 204 -30.65 -16.95 -14.14
CA SER A 204 -30.23 -15.89 -13.25
C SER A 204 -28.74 -15.55 -13.43
N LEU A 205 -27.88 -16.57 -13.55
CA LEU A 205 -26.46 -16.32 -13.82
C LEU A 205 -26.23 -15.48 -15.06
N ALA A 206 -27.17 -15.51 -16.01
CA ALA A 206 -27.04 -14.76 -17.26
C ALA A 206 -27.70 -13.40 -17.19
N THR A 207 -28.58 -13.19 -16.23
CA THR A 207 -29.25 -11.91 -16.08
C THR A 207 -28.44 -10.96 -15.22
N GLY A 208 -27.76 -11.47 -14.21
CA GLY A 208 -26.84 -10.67 -13.43
C GLY A 208 -27.55 -9.73 -12.47
N GLY A 209 -26.75 -8.84 -11.90
CA GLY A 209 -27.34 -7.90 -10.96
C GLY A 209 -27.81 -8.64 -9.73
N GLU A 210 -28.99 -8.24 -9.24
CA GLU A 210 -29.54 -8.83 -8.03
C GLU A 210 -29.77 -10.33 -8.16
N LYS A 211 -29.91 -10.84 -9.38
CA LYS A 211 -30.25 -12.25 -9.60
C LYS A 211 -29.07 -13.19 -9.38
N LEU A 212 -27.83 -12.67 -9.42
CA LEU A 212 -26.69 -13.55 -9.18
C LEU A 212 -26.79 -14.18 -7.80
N GLN A 213 -27.27 -13.43 -6.81
CA GLN A 213 -27.41 -14.03 -5.49
C GLN A 213 -28.47 -15.12 -5.51
N ASP A 214 -29.56 -14.92 -6.27
CA ASP A 214 -30.59 -15.94 -6.43
C ASP A 214 -29.98 -17.25 -6.93
N ALA A 215 -29.20 -17.17 -8.02
CA ALA A 215 -28.56 -18.37 -8.54
C ALA A 215 -27.69 -19.03 -7.50
N TYR A 216 -26.86 -18.25 -6.80
CA TYR A 216 -25.97 -18.82 -5.79
C TYR A 216 -26.76 -19.68 -4.81
N TYR A 217 -27.85 -19.17 -4.25
CA TYR A 217 -28.52 -19.91 -3.19
C TYR A 217 -29.17 -21.17 -3.73
N ILE A 218 -29.56 -21.16 -5.01
CA ILE A 218 -30.12 -22.36 -5.63
C ILE A 218 -29.05 -23.44 -5.70
N PHE A 219 -27.88 -23.07 -6.21
CA PHE A 219 -26.76 -24.00 -6.23
C PHE A 219 -26.38 -24.44 -4.82
N GLN A 220 -26.34 -23.50 -3.88
CA GLN A 220 -26.05 -23.90 -2.52
C GLN A 220 -27.14 -24.83 -1.99
N GLU A 221 -28.40 -24.48 -2.18
CA GLU A 221 -29.43 -25.31 -1.57
C GLU A 221 -29.38 -26.73 -2.12
N MET A 222 -28.98 -26.90 -3.38
CA MET A 222 -28.92 -28.25 -3.92
C MET A 222 -27.68 -28.99 -3.43
N ALA A 223 -26.60 -28.26 -3.19
CA ALA A 223 -25.39 -28.88 -2.65
C ALA A 223 -25.63 -29.41 -1.23
N ASP A 224 -26.37 -28.64 -0.40
CA ASP A 224 -26.58 -28.97 1.01
C ASP A 224 -27.84 -29.80 1.27
N LYS A 225 -28.61 -30.17 0.22
CA LYS A 225 -29.56 -31.26 0.32
C LYS A 225 -28.94 -32.56 -0.14
N CYS A 226 -28.08 -32.48 -1.15
CA CYS A 226 -27.63 -33.68 -1.84
C CYS A 226 -26.18 -33.92 -1.50
N SER A 227 -25.23 -33.32 -2.19
CA SER A 227 -23.81 -33.57 -2.08
C SER A 227 -23.13 -32.53 -2.97
N PRO A 228 -22.01 -31.98 -2.57
CA PRO A 228 -21.47 -30.84 -3.32
C PRO A 228 -20.60 -31.27 -4.50
N THR A 229 -21.22 -31.56 -5.63
CA THR A 229 -20.57 -32.14 -6.81
C THR A 229 -19.70 -31.12 -7.54
N LEU A 230 -18.88 -31.62 -8.47
CA LEU A 230 -18.05 -30.70 -9.24
C LEU A 230 -18.91 -29.66 -9.93
N LEU A 231 -20.09 -30.06 -10.39
CA LEU A 231 -20.95 -29.16 -11.14
C LEU A 231 -21.51 -28.07 -10.23
N LEU A 232 -21.96 -28.43 -9.04
CA LEU A 232 -22.49 -27.45 -8.11
C LEU A 232 -21.38 -26.55 -7.54
N LEU A 233 -20.18 -27.11 -7.31
CA LEU A 233 -19.08 -26.30 -6.77
C LEU A 233 -18.74 -25.16 -7.72
N ASN A 234 -18.52 -25.46 -9.01
CA ASN A 234 -18.25 -24.40 -9.97
C ASN A 234 -19.48 -23.54 -10.26
N GLY A 235 -20.66 -24.15 -10.23
CA GLY A 235 -21.87 -23.34 -10.29
C GLY A 235 -21.82 -22.22 -9.27
N GLN A 236 -21.59 -22.58 -8.00
CA GLN A 236 -21.48 -21.57 -6.94
C GLN A 236 -20.34 -20.60 -7.19
N ALA A 237 -19.15 -21.12 -7.53
CA ALA A 237 -18.02 -20.21 -7.75
C ALA A 237 -18.33 -19.18 -8.82
N ALA A 238 -19.05 -19.57 -9.88
CA ALA A 238 -19.36 -18.62 -10.94
C ALA A 238 -20.23 -17.49 -10.43
N CYS A 239 -21.10 -17.77 -9.45
CA CYS A 239 -21.95 -16.72 -8.90
C CYS A 239 -21.14 -15.78 -8.02
N HIS A 240 -20.18 -16.31 -7.26
CA HIS A 240 -19.27 -15.42 -6.55
C HIS A 240 -18.45 -14.58 -7.53
N MET A 241 -17.84 -15.21 -8.53
CA MET A 241 -16.95 -14.46 -9.39
C MET A 241 -17.70 -13.37 -10.13
N ALA A 242 -18.99 -13.58 -10.37
CA ALA A 242 -19.74 -12.58 -11.11
C ALA A 242 -19.96 -11.34 -10.27
N GLN A 243 -20.16 -11.51 -8.96
CA GLN A 243 -20.25 -10.37 -8.05
C GLN A 243 -18.89 -9.85 -7.62
N GLY A 244 -17.82 -10.28 -8.28
CA GLY A 244 -16.52 -9.81 -7.89
C GLY A 244 -16.01 -10.34 -6.58
N ARG A 245 -16.64 -11.35 -6.01
CA ARG A 245 -16.22 -11.86 -4.71
C ARG A 245 -15.25 -13.02 -4.95
N TRP A 246 -14.03 -12.65 -5.39
CA TRP A 246 -13.03 -13.64 -5.75
C TRP A 246 -12.58 -14.48 -4.56
N GLU A 247 -12.33 -13.85 -3.40
CA GLU A 247 -11.82 -14.60 -2.26
C GLU A 247 -12.82 -15.63 -1.77
N ALA A 248 -14.13 -15.30 -1.81
CA ALA A 248 -15.16 -16.29 -1.44
C ALA A 248 -15.23 -17.45 -2.42
N ALA A 249 -14.77 -17.26 -3.64
CA ALA A 249 -14.78 -18.35 -4.60
C ALA A 249 -13.58 -19.28 -4.45
N GLU A 250 -12.55 -18.88 -3.72
CA GLU A 250 -11.34 -19.69 -3.73
C GLU A 250 -11.57 -21.01 -3.02
N GLY A 251 -12.36 -21.00 -1.95
CA GLY A 251 -12.59 -22.24 -1.23
C GLY A 251 -13.26 -23.27 -2.10
N LEU A 252 -14.30 -22.86 -2.85
CA LEU A 252 -15.08 -23.77 -3.69
C LEU A 252 -14.20 -24.40 -4.78
N LEU A 253 -13.43 -23.58 -5.50
CA LEU A 253 -12.59 -24.15 -6.53
C LEU A 253 -11.54 -25.11 -5.95
N GLN A 254 -10.94 -24.78 -4.79
CA GLN A 254 -9.98 -25.72 -4.21
CA GLN A 254 -10.00 -25.70 -4.15
C GLN A 254 -10.67 -27.04 -3.87
N GLU A 255 -11.86 -27.00 -3.26
CA GLU A 255 -12.60 -28.23 -3.00
C GLU A 255 -12.89 -29.00 -4.28
N ALA A 256 -13.22 -28.30 -5.36
CA ALA A 256 -13.46 -28.99 -6.62
C ALA A 256 -12.18 -29.61 -7.16
N LEU A 257 -11.06 -28.94 -6.96
CA LEU A 257 -9.79 -29.44 -7.46
C LEU A 257 -9.39 -30.70 -6.72
N ASP A 258 -9.61 -30.75 -5.40
CA ASP A 258 -9.27 -31.93 -4.62
C ASP A 258 -10.08 -33.15 -5.07
N LYS A 259 -11.35 -32.95 -5.45
CA LYS A 259 -12.20 -34.06 -5.85
C LYS A 259 -11.75 -34.67 -7.17
N ASP A 260 -11.35 -33.83 -8.12
CA ASP A 260 -11.06 -34.27 -9.48
C ASP A 260 -10.14 -33.24 -10.11
N SER A 261 -8.87 -33.62 -10.27
CA SER A 261 -7.82 -32.79 -10.84
C SER A 261 -8.03 -32.52 -12.31
N GLY A 262 -9.01 -33.16 -12.94
CA GLY A 262 -9.14 -33.10 -14.39
C GLY A 262 -10.42 -32.46 -14.89
N TYR A 263 -11.30 -32.08 -13.98
CA TYR A 263 -12.52 -31.41 -14.39
C TYR A 263 -12.14 -30.05 -14.98
N PRO A 264 -12.39 -29.77 -16.27
CA PRO A 264 -11.82 -28.57 -16.90
C PRO A 264 -12.38 -27.26 -16.38
N GLU A 265 -13.68 -27.22 -16.11
CA GLU A 265 -14.30 -25.98 -15.66
C GLU A 265 -13.62 -25.46 -14.39
N THR A 266 -13.18 -26.36 -13.50
CA THR A 266 -12.39 -25.91 -12.36
C THR A 266 -11.11 -25.23 -12.83
N LEU A 267 -10.40 -25.87 -13.76
CA LEU A 267 -9.13 -25.31 -14.23
C LEU A 267 -9.33 -23.93 -14.86
N VAL A 268 -10.34 -23.79 -15.73
CA VAL A 268 -10.60 -22.48 -16.33
C VAL A 268 -10.92 -21.45 -15.26
N ASN A 269 -11.84 -21.79 -14.34
CA ASN A 269 -12.20 -20.83 -13.29
C ASN A 269 -10.99 -20.45 -12.44
N LEU A 270 -10.05 -21.38 -12.23
CA LEU A 270 -8.87 -21.03 -11.43
C LEU A 270 -7.95 -20.05 -12.16
N ILE A 271 -7.87 -20.14 -13.50
CA ILE A 271 -7.17 -19.12 -14.27
C ILE A 271 -7.79 -17.75 -14.02
N VAL A 272 -9.11 -17.66 -14.09
CA VAL A 272 -9.76 -16.38 -13.79
C VAL A 272 -9.45 -15.96 -12.36
N LEU A 273 -9.75 -16.83 -11.40
CA LEU A 273 -9.58 -16.50 -9.99
C LEU A 273 -8.15 -16.10 -9.67
N SER A 274 -7.17 -16.88 -10.19
CA SER A 274 -5.75 -16.60 -9.95
C SER A 274 -5.39 -15.17 -10.28
N GLN A 275 -5.75 -14.72 -11.47
CA GLN A 275 -5.36 -13.37 -11.85
C GLN A 275 -6.08 -12.32 -10.99
N HIS A 276 -7.33 -12.57 -10.63
CA HIS A 276 -8.01 -11.55 -9.82
C HIS A 276 -7.50 -11.51 -8.38
N LEU A 277 -6.68 -12.47 -7.98
CA LEU A 277 -6.04 -12.48 -6.66
C LEU A 277 -4.56 -12.10 -6.71
N GLY A 278 -4.07 -11.63 -7.86
CA GLY A 278 -2.71 -11.14 -7.96
C GLY A 278 -1.62 -12.19 -7.94
N LYS A 279 -1.92 -13.41 -8.35
CA LYS A 279 -0.92 -14.46 -8.31
C LYS A 279 0.00 -14.38 -9.53
N PRO A 280 1.17 -15.04 -9.48
CA PRO A 280 2.16 -14.88 -10.56
C PRO A 280 1.71 -15.53 -11.84
N PRO A 281 2.14 -15.03 -12.99
CA PRO A 281 1.74 -15.67 -14.27
C PRO A 281 2.15 -17.12 -14.38
N GLU A 282 3.08 -17.60 -13.56
CA GLU A 282 3.43 -19.02 -13.60
C GLU A 282 2.28 -19.88 -13.11
N VAL A 283 1.34 -19.30 -12.38
CA VAL A 283 0.17 -20.07 -11.97
C VAL A 283 -0.84 -20.18 -13.11
N THR A 284 -1.19 -19.06 -13.73
CA THR A 284 -1.98 -19.14 -14.96
C THR A 284 -1.34 -20.09 -15.96
N ASN A 285 0.00 -20.15 -16.02
CA ASN A 285 0.62 -21.06 -16.99
C ASN A 285 0.46 -22.51 -16.58
N ARG A 286 0.51 -22.80 -15.27
CA ARG A 286 0.35 -24.18 -14.82
C ARG A 286 -1.05 -24.69 -15.17
N TYR A 287 -2.08 -23.89 -14.87
CA TYR A 287 -3.45 -24.28 -15.19
C TYR A 287 -3.68 -24.43 -16.70
N LEU A 288 -2.96 -23.69 -17.52
CA LEU A 288 -3.08 -23.88 -18.95
C LEU A 288 -2.46 -25.20 -19.40
N SER A 289 -1.28 -25.55 -18.86
CA SER A 289 -0.70 -26.84 -19.20
C SER A 289 -1.50 -27.99 -18.60
N GLN A 290 -2.06 -27.78 -17.41
CA GLN A 290 -2.90 -28.79 -16.79
C GLN A 290 -4.18 -29.02 -17.59
N LEU A 291 -4.66 -27.98 -18.24
CA LEU A 291 -5.91 -28.08 -18.98
C LEU A 291 -5.74 -28.87 -20.28
N LYS A 292 -4.51 -28.98 -20.80
CA LYS A 292 -4.30 -29.77 -22.01
C LYS A 292 -4.48 -31.27 -21.77
N ASP A 293 -4.36 -31.72 -20.52
CA ASP A 293 -4.59 -33.09 -20.10
C ASP A 293 -5.87 -33.28 -19.29
N ALA A 294 -6.77 -32.30 -19.30
CA ALA A 294 -8.09 -32.51 -18.71
C ALA A 294 -8.85 -33.65 -19.38
N HIS A 295 -8.41 -34.08 -20.58
CA HIS A 295 -9.03 -35.11 -21.43
C HIS A 295 -10.55 -35.13 -21.37
N ARG A 296 -11.16 -34.00 -21.02
CA ARG A 296 -12.59 -33.80 -21.20
C ARG A 296 -12.69 -32.64 -22.17
N SER A 297 -13.58 -32.76 -23.15
CA SER A 297 -13.51 -31.89 -24.32
C SER A 297 -14.22 -30.58 -24.04
N HIS A 298 -13.53 -29.69 -23.28
CA HIS A 298 -13.95 -28.31 -23.07
C HIS A 298 -13.26 -27.41 -24.08
N PRO A 299 -14.00 -26.52 -24.74
CA PRO A 299 -13.45 -25.77 -25.89
C PRO A 299 -12.32 -24.82 -25.54
N PHE A 300 -12.02 -24.59 -24.27
CA PHE A 300 -11.21 -23.42 -23.90
C PHE A 300 -9.84 -23.45 -24.55
N ILE A 301 -9.20 -24.62 -24.59
CA ILE A 301 -7.84 -24.66 -25.12
C ILE A 301 -7.85 -24.38 -26.61
N LYS A 302 -8.84 -24.90 -27.34
CA LYS A 302 -8.88 -24.64 -28.78
C LYS A 302 -9.11 -23.16 -29.08
N GLU A 303 -10.06 -22.54 -28.37
CA GLU A 303 -10.25 -21.10 -28.54
C GLU A 303 -9.00 -20.33 -28.16
N TYR A 304 -8.28 -20.79 -27.13
CA TYR A 304 -7.04 -20.14 -26.73
C TYR A 304 -5.99 -20.25 -27.83
N GLN A 305 -5.85 -21.44 -28.42
CA GLN A 305 -4.88 -21.58 -29.50
C GLN A 305 -5.28 -20.76 -30.71
N ALA A 306 -6.59 -20.66 -30.97
CA ALA A 306 -7.09 -19.81 -32.04
C ALA A 306 -6.70 -18.35 -31.80
N LYS A 307 -6.87 -17.89 -30.57
CA LYS A 307 -6.48 -16.52 -30.24
C LYS A 307 -4.97 -16.35 -30.27
N GLU A 308 -4.21 -17.43 -30.04
CA GLU A 308 -2.79 -17.39 -30.30
C GLU A 308 -2.53 -17.11 -31.77
N ASN A 309 -3.27 -17.79 -32.65
CA ASN A 309 -3.07 -17.63 -34.09
C ASN A 309 -3.60 -16.29 -34.58
N ASP A 310 -4.74 -15.83 -34.06
CA ASP A 310 -5.24 -14.52 -34.45
C ASP A 310 -4.23 -13.44 -34.13
N PHE A 311 -3.54 -13.56 -32.99
CA PHE A 311 -2.61 -12.54 -32.59
C PHE A 311 -1.35 -12.53 -33.47
N ASP A 312 -0.74 -13.71 -33.66
CA ASP A 312 0.39 -13.83 -34.59
C ASP A 312 0.06 -13.23 -35.95
N ARG A 313 -1.16 -13.44 -36.43
CA ARG A 313 -1.54 -12.93 -37.74
C ARG A 313 -1.64 -11.40 -37.74
N LEU A 314 -2.24 -10.83 -36.69
CA LEU A 314 -2.41 -9.37 -36.59
C LEU A 314 -1.08 -8.65 -36.35
N VAL A 315 -0.10 -9.31 -35.72
CA VAL A 315 1.22 -8.70 -35.55
C VAL A 315 1.85 -8.41 -36.90
N LEU A 316 1.76 -9.37 -37.82
CA LEU A 316 2.29 -9.23 -39.17
C LEU A 316 1.49 -8.23 -40.01
N GLN A 317 0.27 -7.90 -39.61
CA GLN A 317 -0.50 -6.87 -40.31
C GLN A 317 -0.01 -5.46 -39.99
N TYR A 318 0.50 -5.21 -38.79
CA TYR A 318 1.05 -3.91 -38.44
C TYR A 318 2.54 -3.79 -38.76
N ALA A 319 3.19 -4.88 -39.14
CA ALA A 319 4.61 -4.90 -39.42
C ALA A 319 4.98 -6.12 -40.29
N PRO A 320 4.72 -6.09 -41.60
CA PRO A 320 4.97 -7.29 -42.42
C PRO A 320 6.45 -7.61 -42.55
N SER A 321 6.96 -8.46 -41.68
CA SER A 321 8.38 -8.84 -41.73
C SER A 321 8.65 -9.74 -42.92
N GLU B 10 -43.73 18.16 -14.98
CA GLU B 10 -44.33 17.51 -13.81
C GLU B 10 -45.87 17.54 -13.86
N GLY B 11 -46.45 17.34 -15.04
CA GLY B 11 -47.89 17.17 -15.20
C GLY B 11 -48.28 15.70 -15.06
N TRP B 12 -49.19 15.19 -15.90
CA TRP B 12 -49.33 13.74 -15.95
C TRP B 12 -48.30 13.12 -16.88
N GLY B 13 -47.90 13.86 -17.93
CA GLY B 13 -46.72 13.56 -18.70
C GLY B 13 -46.96 12.65 -19.89
N GLU B 14 -45.86 12.30 -20.55
CA GLU B 14 -45.91 11.27 -21.60
C GLU B 14 -46.01 9.88 -21.02
N ASP B 15 -45.82 9.73 -19.70
CA ASP B 15 -46.08 8.49 -18.98
C ASP B 15 -47.56 8.16 -18.90
N ALA B 16 -48.44 9.10 -19.21
CA ALA B 16 -49.87 8.89 -19.12
C ALA B 16 -50.55 8.78 -20.47
N GLU B 17 -49.86 9.11 -21.56
CA GLU B 17 -50.44 9.06 -22.90
C GLU B 17 -50.27 7.67 -23.48
N LEU B 18 -51.37 7.06 -23.91
CA LEU B 18 -51.32 5.74 -24.55
C LEU B 18 -50.83 5.88 -26.01
N GLN B 19 -49.88 5.02 -26.39
CA GLN B 19 -49.08 5.19 -27.59
C GLN B 19 -49.54 4.24 -28.70
N LEU B 20 -48.82 4.31 -29.83
CA LEU B 20 -49.03 3.37 -30.93
C LEU B 20 -48.53 1.97 -30.53
N PRO B 21 -49.36 0.94 -30.61
CA PRO B 21 -48.83 -0.44 -30.53
C PRO B 21 -48.44 -0.96 -31.90
N PRO B 22 -47.11 -1.11 -32.17
CA PRO B 22 -46.49 -1.29 -33.50
C PRO B 22 -46.49 -2.70 -34.10
N PHE B 38 -45.40 -23.38 -39.06
CA PHE B 38 -44.02 -23.86 -39.12
C PHE B 38 -43.35 -23.66 -37.76
N PHE B 39 -42.03 -23.85 -37.74
CA PHE B 39 -41.17 -23.50 -36.62
C PHE B 39 -39.90 -22.90 -37.18
N VAL B 40 -39.51 -21.75 -36.65
CA VAL B 40 -38.35 -21.02 -37.15
C VAL B 40 -37.30 -21.03 -36.04
N PRO B 41 -36.12 -21.56 -36.26
CA PRO B 41 -35.07 -21.45 -35.25
C PRO B 41 -34.71 -19.98 -35.05
N PRO B 42 -34.48 -19.59 -33.80
CA PRO B 42 -34.13 -18.20 -33.52
C PRO B 42 -32.70 -17.90 -33.91
N THR B 43 -32.43 -16.61 -34.05
CA THR B 43 -31.09 -16.11 -34.34
C THR B 43 -30.38 -15.64 -33.06
N LYS B 44 -29.05 -15.68 -33.11
CA LYS B 44 -28.24 -15.28 -31.96
C LYS B 44 -28.49 -13.83 -31.58
N GLY B 45 -28.42 -13.56 -30.29
CA GLY B 45 -28.26 -12.20 -29.84
C GLY B 45 -26.80 -11.80 -29.85
N THR B 46 -26.56 -10.50 -29.62
CA THR B 46 -25.20 -10.00 -29.48
C THR B 46 -24.51 -10.72 -28.33
N SER B 47 -23.21 -11.04 -28.51
CA SER B 47 -22.60 -11.73 -27.38
C SER B 47 -22.17 -10.74 -26.30
N PRO B 48 -22.04 -11.18 -25.05
CA PRO B 48 -21.59 -10.24 -24.02
C PRO B 48 -20.19 -9.67 -24.29
N THR B 49 -19.31 -10.41 -24.99
CA THR B 49 -18.02 -9.83 -25.35
C THR B 49 -18.14 -8.69 -26.38
N GLN B 50 -19.14 -8.74 -27.27
CA GLN B 50 -19.42 -7.61 -28.16
C GLN B 50 -20.00 -6.43 -27.41
N ILE B 51 -20.83 -6.69 -26.40
CA ILE B 51 -21.30 -5.60 -25.55
C ILE B 51 -20.12 -4.89 -24.91
N TRP B 52 -19.14 -5.66 -24.43
CA TRP B 52 -17.93 -5.06 -23.87
C TRP B 52 -17.30 -4.09 -24.87
N CYS B 53 -17.09 -4.54 -26.11
CA CYS B 53 -16.44 -3.68 -27.09
C CYS B 53 -17.26 -2.43 -27.36
N ASN B 54 -18.58 -2.56 -27.47
CA ASN B 54 -19.41 -1.37 -27.74
C ASN B 54 -19.26 -0.33 -26.65
N ASN B 55 -19.21 -0.76 -25.39
CA ASN B 55 -19.28 0.15 -24.26
C ASN B 55 -17.93 0.62 -23.76
N SER B 56 -16.83 0.26 -24.40
CA SER B 56 -15.55 0.59 -23.81
C SER B 56 -14.58 1.02 -24.89
N GLN B 57 -13.72 1.97 -24.54
CA GLN B 57 -12.65 2.41 -25.42
C GLN B 57 -11.27 2.14 -24.85
N LEU B 58 -11.18 1.33 -23.76
CA LEU B 58 -9.92 1.02 -23.08
C LEU B 58 -9.34 -0.28 -23.62
N PRO B 59 -8.06 -0.32 -23.97
CA PRO B 59 -7.49 -1.55 -24.53
C PRO B 59 -7.76 -2.83 -23.72
N VAL B 60 -7.66 -2.80 -22.39
CA VAL B 60 -7.80 -4.05 -21.64
C VAL B 60 -9.20 -4.63 -21.82
N ASP B 61 -10.23 -3.80 -22.01
CA ASP B 61 -11.57 -4.33 -22.13
C ASP B 61 -11.74 -5.10 -23.45
N HIS B 62 -11.16 -4.59 -24.52
CA HIS B 62 -11.23 -5.31 -25.78
C HIS B 62 -10.40 -6.59 -25.77
N ILE B 63 -9.30 -6.63 -24.99
CA ILE B 63 -8.50 -7.86 -24.91
C ILE B 63 -9.24 -8.93 -24.13
N LEU B 64 -9.84 -8.56 -22.99
CA LEU B 64 -10.72 -9.46 -22.23
C LEU B 64 -11.87 -9.96 -23.09
N ALA B 65 -12.34 -9.14 -24.03
CA ALA B 65 -13.40 -9.51 -24.93
C ALA B 65 -12.95 -10.47 -26.01
N GLY B 66 -11.65 -10.71 -26.13
CA GLY B 66 -11.21 -11.51 -27.25
C GLY B 66 -11.13 -10.76 -28.56
N SER B 67 -11.39 -9.45 -28.58
CA SER B 67 -11.29 -8.63 -29.79
C SER B 67 -9.88 -8.03 -29.88
N PHE B 68 -8.94 -8.83 -30.40
CA PHE B 68 -7.55 -8.37 -30.43
C PHE B 68 -7.33 -7.29 -31.49
N GLU B 69 -7.99 -7.38 -32.65
CA GLU B 69 -7.78 -6.36 -33.66
C GLU B 69 -8.26 -5.00 -33.19
N THR B 70 -9.44 -4.93 -32.59
CA THR B 70 -9.88 -3.62 -32.08
C THR B 70 -9.00 -3.15 -30.93
N ALA B 71 -8.51 -4.07 -30.09
CA ALA B 71 -7.60 -3.68 -29.02
C ALA B 71 -6.33 -3.08 -29.60
N MET B 72 -5.74 -3.75 -30.59
CA MET B 72 -4.55 -3.20 -31.23
C MET B 72 -4.83 -1.84 -31.88
N ARG B 73 -5.98 -1.68 -32.54
CA ARG B 73 -6.30 -0.38 -33.13
C ARG B 73 -6.29 0.69 -32.05
N LEU B 74 -6.86 0.38 -30.88
CA LEU B 74 -6.89 1.35 -29.79
C LEU B 74 -5.50 1.68 -29.29
N LEU B 75 -4.67 0.66 -29.03
CA LEU B 75 -3.32 0.92 -28.58
C LEU B 75 -2.55 1.73 -29.62
N HIS B 76 -2.79 1.47 -30.91
CA HIS B 76 -2.07 2.20 -31.95
C HIS B 76 -2.38 3.68 -31.92
N ASP B 77 -3.67 4.05 -31.94
CA ASP B 77 -4.06 5.46 -32.00
C ASP B 77 -3.77 6.20 -30.70
N GLN B 78 -3.80 5.50 -29.58
CA GLN B 78 -3.72 6.17 -28.29
C GLN B 78 -2.30 6.30 -27.77
N VAL B 79 -1.44 5.37 -28.10
CA VAL B 79 -0.23 5.26 -27.29
C VAL B 79 0.96 4.92 -28.18
N GLY B 80 0.68 4.54 -29.42
CA GLY B 80 1.65 4.51 -30.49
C GLY B 80 2.27 3.17 -30.80
N VAL B 81 1.57 2.06 -30.55
CA VAL B 81 2.13 0.73 -30.72
C VAL B 81 2.06 0.31 -32.20
N ILE B 82 3.16 -0.23 -32.73
CA ILE B 82 3.14 -0.79 -34.08
C ILE B 82 3.72 -2.20 -34.09
N GLN B 83 4.75 -2.43 -33.26
CA GLN B 83 5.32 -3.77 -33.11
C GLN B 83 4.70 -4.42 -31.90
N PHE B 84 3.65 -5.23 -32.12
CA PHE B 84 2.86 -5.83 -31.04
C PHE B 84 3.37 -7.19 -30.59
N GLY B 85 4.42 -7.72 -31.22
CA GLY B 85 4.99 -9.00 -30.86
C GLY B 85 5.26 -9.13 -29.38
N PRO B 86 5.99 -8.16 -28.82
CA PRO B 86 6.29 -8.18 -27.38
C PRO B 86 5.09 -7.99 -26.48
N TYR B 87 3.87 -7.90 -27.03
CA TYR B 87 2.66 -7.87 -26.22
C TYR B 87 1.99 -9.23 -26.06
N LYS B 88 2.55 -10.29 -26.67
CA LYS B 88 1.81 -11.55 -26.82
C LYS B 88 1.44 -12.16 -25.46
N GLN B 89 2.37 -12.16 -24.51
CA GLN B 89 2.09 -12.70 -23.19
C GLN B 89 0.96 -11.95 -22.54
N LEU B 90 1.08 -10.63 -22.45
CA LEU B 90 0.06 -9.80 -21.82
C LEU B 90 -1.31 -10.05 -22.44
N PHE B 91 -1.37 -10.00 -23.77
CA PHE B 91 -2.65 -10.14 -24.46
C PHE B 91 -3.29 -11.49 -24.13
N LEU B 92 -2.52 -12.57 -24.29
CA LEU B 92 -3.10 -13.89 -24.15
C LEU B 92 -3.49 -14.16 -22.70
N GLN B 93 -2.64 -13.80 -21.73
CA GLN B 93 -3.01 -14.04 -20.35
C GLN B 93 -4.22 -13.20 -19.94
N THR B 94 -4.31 -11.98 -20.46
CA THR B 94 -5.48 -11.16 -20.21
C THR B 94 -6.73 -11.83 -20.76
N TYR B 95 -6.64 -12.31 -22.00
CA TYR B 95 -7.76 -13.01 -22.63
C TYR B 95 -8.24 -14.17 -21.78
N ALA B 96 -7.33 -14.87 -21.13
CA ALA B 96 -7.70 -16.07 -20.40
C ALA B 96 -8.47 -15.78 -19.13
N ARG B 97 -8.42 -14.57 -18.59
CA ARG B 97 -9.16 -14.27 -17.38
C ARG B 97 -10.52 -13.62 -17.67
N GLY B 98 -10.94 -13.63 -18.93
CA GLY B 98 -12.12 -12.85 -19.29
C GLY B 98 -13.45 -13.51 -18.98
N ARG B 99 -13.50 -14.85 -19.03
CA ARG B 99 -14.77 -15.55 -18.84
C ARG B 99 -14.59 -16.74 -17.91
N THR B 100 -15.59 -16.90 -17.03
CA THR B 100 -15.78 -18.05 -16.17
C THR B 100 -16.54 -19.12 -16.93
N THR B 101 -16.58 -20.33 -16.38
CA THR B 101 -17.31 -21.37 -17.08
C THR B 101 -17.96 -22.27 -16.05
N TYR B 102 -19.15 -22.78 -16.39
CA TYR B 102 -19.91 -23.66 -15.52
C TYR B 102 -20.79 -24.56 -16.38
N GLN B 103 -20.99 -25.78 -15.91
CA GLN B 103 -21.72 -26.80 -16.65
C GLN B 103 -23.20 -26.69 -16.35
N ALA B 104 -24.03 -26.79 -17.40
CA ALA B 104 -25.45 -26.74 -17.08
C ALA B 104 -26.00 -28.15 -16.93
N LEU B 105 -26.47 -28.74 -18.00
CA LEU B 105 -26.97 -30.10 -18.04
C LEU B 105 -25.80 -31.04 -18.31
N PRO B 106 -25.79 -32.21 -17.69
CA PRO B 106 -24.70 -33.16 -17.93
C PRO B 106 -24.59 -33.55 -19.39
N CYS B 107 -23.37 -33.78 -19.84
CA CYS B 107 -23.04 -34.23 -21.19
C CYS B 107 -23.30 -33.20 -22.28
N LEU B 108 -23.59 -31.94 -21.95
CA LEU B 108 -23.68 -30.92 -22.98
C LEU B 108 -22.58 -29.88 -22.79
N PRO B 109 -22.12 -29.26 -23.89
CA PRO B 109 -21.10 -28.21 -23.81
C PRO B 109 -21.38 -27.17 -22.72
N SER B 110 -20.33 -26.81 -21.98
CA SER B 110 -20.51 -25.96 -20.80
C SER B 110 -20.89 -24.53 -21.17
N MET B 111 -21.35 -23.79 -20.16
CA MET B 111 -21.68 -22.38 -20.33
C MET B 111 -20.48 -21.49 -20.03
N TYR B 112 -20.56 -20.25 -20.49
CA TYR B 112 -19.58 -19.23 -20.14
C TYR B 112 -20.26 -18.09 -19.41
N GLY B 113 -19.57 -17.54 -18.42
CA GLY B 113 -20.03 -16.38 -17.69
C GLY B 113 -19.08 -15.26 -18.01
N TYR B 114 -19.59 -14.03 -18.01
CA TYR B 114 -18.83 -12.85 -18.43
C TYR B 114 -18.90 -11.82 -17.30
N PRO B 115 -18.12 -11.99 -16.23
CA PRO B 115 -18.24 -11.10 -15.07
C PRO B 115 -17.96 -9.63 -15.41
N ASN B 116 -18.91 -8.76 -15.08
CA ASN B 116 -18.82 -7.32 -15.33
C ASN B 116 -18.35 -6.56 -14.09
N ARG B 117 -17.65 -5.45 -14.33
CA ARG B 117 -17.20 -4.64 -13.20
C ARG B 117 -18.33 -3.80 -12.63
N ASN B 118 -19.23 -3.34 -13.48
CA ASN B 118 -20.44 -2.64 -13.06
C ASN B 118 -21.61 -3.61 -12.97
N TRP B 119 -21.37 -4.77 -12.34
CA TRP B 119 -22.34 -5.85 -12.39
C TRP B 119 -23.65 -5.52 -11.70
N LYS B 120 -23.65 -4.65 -10.69
CA LYS B 120 -24.89 -4.34 -9.98
C LYS B 120 -25.97 -3.77 -10.89
N ASP B 121 -25.55 -3.03 -11.93
CA ASP B 121 -26.46 -2.29 -12.81
C ASP B 121 -26.05 -2.46 -14.27
N ALA B 122 -25.52 -3.63 -14.63
CA ALA B 122 -25.02 -3.82 -15.99
C ALA B 122 -26.15 -4.08 -16.97
N GLY B 123 -27.09 -4.96 -16.60
CA GLY B 123 -28.17 -5.23 -17.53
C GLY B 123 -27.68 -5.97 -18.77
N LEU B 124 -28.53 -5.94 -19.80
CA LEU B 124 -28.16 -6.60 -21.05
C LEU B 124 -27.13 -5.80 -21.83
N LYS B 125 -27.29 -4.48 -21.93
CA LYS B 125 -26.58 -3.72 -22.94
C LYS B 125 -25.43 -2.88 -22.39
N ASN B 126 -25.28 -2.72 -21.09
CA ASN B 126 -24.37 -1.72 -20.57
C ASN B 126 -23.15 -2.29 -19.89
N GLY B 127 -22.98 -3.61 -19.89
CA GLY B 127 -21.90 -4.23 -19.15
C GLY B 127 -20.54 -3.84 -19.68
N VAL B 128 -19.55 -3.99 -18.80
CA VAL B 128 -18.17 -3.66 -19.13
C VAL B 128 -17.33 -4.48 -18.15
N PRO B 129 -16.27 -5.15 -18.59
CA PRO B 129 -15.76 -6.32 -17.84
C PRO B 129 -15.03 -5.99 -16.55
N ALA B 130 -14.99 -7.00 -15.66
CA ALA B 130 -14.37 -6.88 -14.36
C ALA B 130 -12.91 -6.48 -14.48
N VAL B 131 -12.40 -5.81 -13.43
CA VAL B 131 -11.04 -5.28 -13.41
C VAL B 131 -10.11 -6.29 -12.76
N GLY B 132 -9.09 -6.71 -13.52
CA GLY B 132 -8.16 -7.74 -13.10
C GLY B 132 -6.72 -7.33 -12.84
N LEU B 133 -6.35 -6.12 -13.27
CA LEU B 133 -5.04 -5.54 -13.02
C LEU B 133 -5.28 -4.16 -12.45
N LYS B 134 -4.82 -3.92 -11.22
CA LYS B 134 -5.02 -2.63 -10.59
C LYS B 134 -3.70 -1.88 -10.59
N LEU B 135 -3.79 -0.56 -10.49
CA LEU B 135 -2.58 0.26 -10.51
C LEU B 135 -1.63 -0.09 -9.37
N ASN B 136 -2.16 -0.47 -8.21
CA ASN B 136 -1.29 -0.78 -7.09
C ASN B 136 -0.60 -2.12 -7.25
N ASP B 137 -1.20 -3.04 -8.01
CA ASP B 137 -0.48 -4.25 -8.38
C ASP B 137 0.83 -3.85 -9.03
N LEU B 138 0.77 -2.88 -9.96
CA LEU B 138 1.97 -2.44 -10.67
C LEU B 138 2.93 -1.69 -9.73
N ILE B 139 2.41 -0.71 -8.97
CA ILE B 139 3.25 0.01 -8.00
C ILE B 139 3.92 -0.95 -7.02
N GLN B 140 3.27 -2.04 -6.66
CA GLN B 140 3.94 -3.01 -5.82
C GLN B 140 5.12 -3.64 -6.57
N ARG B 141 4.96 -3.98 -7.86
CA ARG B 141 6.06 -4.62 -8.59
C ARG B 141 7.26 -3.70 -8.76
N LEU B 142 7.07 -2.40 -8.60
CA LEU B 142 8.19 -1.49 -8.63
C LEU B 142 9.26 -1.92 -7.62
N GLN B 143 8.86 -2.48 -6.47
CA GLN B 143 9.83 -2.81 -5.44
C GLN B 143 10.79 -3.90 -5.89
N LEU B 144 10.27 -5.00 -6.45
CA LEU B 144 11.18 -6.04 -6.95
C LEU B 144 12.09 -5.48 -8.03
N CYS B 145 11.59 -4.53 -8.84
CA CYS B 145 12.44 -3.84 -9.80
C CYS B 145 13.58 -3.10 -9.12
N TYR B 146 13.24 -2.34 -8.08
CA TYR B 146 14.26 -1.61 -7.34
C TYR B 146 15.30 -2.54 -6.73
N GLN B 147 14.87 -3.61 -6.04
CA GLN B 147 15.82 -4.57 -5.46
C GLN B 147 16.74 -5.13 -6.54
N LEU B 148 16.16 -5.67 -7.61
CA LEU B 148 16.97 -6.19 -8.70
C LEU B 148 18.03 -5.19 -9.15
N THR B 149 17.64 -3.92 -9.28
CA THR B 149 18.58 -2.87 -9.64
C THR B 149 19.69 -2.74 -8.60
N THR B 150 19.31 -2.58 -7.33
CA THR B 150 20.29 -2.41 -6.26
C THR B 150 21.36 -3.52 -6.25
N VAL B 151 20.93 -4.77 -6.41
CA VAL B 151 21.88 -5.89 -6.38
C VAL B 151 22.60 -6.09 -7.71
N GLY B 152 22.22 -5.37 -8.76
CA GLY B 152 22.98 -5.33 -10.00
C GLY B 152 22.46 -6.17 -11.16
N LYS B 153 21.28 -6.78 -11.04
CA LYS B 153 20.77 -7.67 -12.09
C LYS B 153 20.02 -6.83 -13.11
N PHE B 154 20.79 -6.08 -13.89
CA PHE B 154 20.23 -5.04 -14.75
C PHE B 154 19.33 -5.62 -15.83
N GLU B 155 19.75 -6.72 -16.46
CA GLU B 155 18.96 -7.33 -17.52
C GLU B 155 17.60 -7.78 -16.98
N GLU B 156 17.57 -8.31 -15.77
CA GLU B 156 16.30 -8.73 -15.19
C GLU B 156 15.48 -7.54 -14.69
N ALA B 157 16.13 -6.50 -14.18
CA ALA B 157 15.37 -5.31 -13.79
C ALA B 157 14.73 -4.64 -15.02
N VAL B 158 15.51 -4.46 -16.09
CA VAL B 158 14.93 -3.88 -17.31
C VAL B 158 13.73 -4.70 -17.78
N GLU B 159 13.86 -6.02 -17.83
CA GLU B 159 12.73 -6.84 -18.25
C GLU B 159 11.52 -6.60 -17.36
N LYS B 160 11.72 -6.54 -16.04
CA LYS B 160 10.62 -6.34 -15.09
C LYS B 160 10.05 -4.93 -15.19
N PHE B 161 10.91 -3.93 -15.44
CA PHE B 161 10.48 -2.55 -15.64
C PHE B 161 9.66 -2.39 -16.91
N ARG B 162 10.11 -2.99 -18.01
CA ARG B 162 9.37 -2.88 -19.26
C ARG B 162 8.02 -3.55 -19.15
N SER B 163 7.92 -4.62 -18.35
CA SER B 163 6.64 -5.27 -18.18
C SER B 163 5.64 -4.35 -17.48
N ILE B 164 6.08 -3.68 -16.41
CA ILE B 164 5.24 -2.68 -15.78
C ILE B 164 4.84 -1.62 -16.81
N LEU B 165 5.81 -1.15 -17.60
CA LEU B 165 5.57 -0.09 -18.56
C LEU B 165 4.50 -0.50 -19.57
N LEU B 166 4.67 -1.66 -20.20
CA LEU B 166 3.69 -2.07 -21.20
C LEU B 166 2.35 -2.40 -20.59
N SER B 167 2.30 -2.67 -19.28
CA SER B 167 1.07 -3.03 -18.59
C SER B 167 0.23 -1.82 -18.23
N VAL B 168 0.83 -0.65 -18.13
CA VAL B 168 0.07 0.54 -17.74
C VAL B 168 -1.11 0.79 -18.66
N PRO B 169 -0.97 0.78 -20.00
CA PRO B 169 -2.14 0.96 -20.87
C PRO B 169 -3.17 -0.15 -20.79
N LEU B 170 -2.91 -1.22 -20.04
CA LEU B 170 -3.92 -2.24 -19.75
C LEU B 170 -4.66 -1.99 -18.42
N LEU B 171 -4.47 -0.84 -17.79
CA LEU B 171 -5.15 -0.54 -16.54
C LEU B 171 -6.58 -0.07 -16.77
N VAL B 172 -7.40 -0.18 -15.72
CA VAL B 172 -8.64 0.57 -15.62
C VAL B 172 -8.68 1.26 -14.26
N VAL B 173 -8.90 2.57 -14.27
CA VAL B 173 -8.54 3.49 -13.20
C VAL B 173 -9.67 4.49 -13.02
N ASP B 174 -9.92 4.89 -11.76
CA ASP B 174 -11.17 5.57 -11.42
C ASP B 174 -11.09 7.08 -11.57
N ASN B 175 -10.08 7.72 -10.97
CA ASN B 175 -10.05 9.17 -10.82
C ASN B 175 -8.82 9.80 -11.47
N LYS B 176 -8.83 11.13 -11.51
CA LYS B 176 -7.77 11.89 -12.18
C LYS B 176 -6.40 11.71 -11.50
N GLN B 177 -6.38 11.46 -10.19
CA GLN B 177 -5.10 11.29 -9.52
C GLN B 177 -4.44 9.97 -9.87
N GLU B 178 -5.24 8.93 -10.16
CA GLU B 178 -4.64 7.66 -10.58
C GLU B 178 -4.13 7.73 -12.00
N ILE B 179 -4.78 8.51 -12.86
CA ILE B 179 -4.21 8.76 -14.18
C ILE B 179 -2.85 9.44 -14.03
N ALA B 180 -2.75 10.38 -13.09
CA ALA B 180 -1.46 11.02 -12.81
C ALA B 180 -0.42 10.01 -12.37
N GLU B 181 -0.77 9.18 -11.36
CA GLU B 181 0.19 8.19 -10.86
C GLU B 181 0.61 7.23 -11.96
N ALA B 182 -0.34 6.76 -12.77
CA ALA B 182 0.00 5.81 -13.81
C ALA B 182 0.98 6.42 -14.78
N GLN B 183 0.88 7.74 -15.01
CA GLN B 183 1.86 8.39 -15.88
C GLN B 183 3.22 8.48 -15.19
N GLN B 184 3.25 8.86 -13.91
CA GLN B 184 4.53 8.91 -13.21
C GLN B 184 5.21 7.54 -13.23
N LEU B 185 4.40 6.48 -13.02
CA LEU B 185 4.93 5.12 -13.07
C LEU B 185 5.59 4.82 -14.42
N ILE B 186 4.93 5.19 -15.51
CA ILE B 186 5.54 5.03 -16.83
C ILE B 186 6.87 5.77 -16.86
N THR B 187 6.87 7.04 -16.43
CA THR B 187 8.09 7.82 -16.41
C THR B 187 9.16 7.19 -15.52
N ILE B 188 8.76 6.57 -14.41
CA ILE B 188 9.77 5.88 -13.59
C ILE B 188 10.39 4.74 -14.36
N CYS B 189 9.56 3.86 -14.94
CA CYS B 189 10.08 2.75 -15.74
C CYS B 189 10.96 3.25 -16.88
N ARG B 190 10.60 4.36 -17.52
CA ARG B 190 11.46 4.85 -18.58
C ARG B 190 12.82 5.26 -18.02
N GLU B 191 12.82 6.13 -17.01
CA GLU B 191 14.07 6.63 -16.42
C GLU B 191 15.04 5.49 -16.12
N TYR B 192 14.54 4.42 -15.48
CA TYR B 192 15.38 3.27 -15.16
C TYR B 192 15.82 2.54 -16.42
N ILE B 193 14.90 2.30 -17.36
CA ILE B 193 15.25 1.49 -18.51
C ILE B 193 16.34 2.17 -19.35
N VAL B 194 16.25 3.48 -19.58
CA VAL B 194 17.28 4.10 -20.40
C VAL B 194 18.57 4.26 -19.61
N GLY B 195 18.48 4.59 -18.32
CA GLY B 195 19.68 4.67 -17.48
C GLY B 195 20.47 3.36 -17.47
N LEU B 196 19.80 2.26 -17.10
CA LEU B 196 20.43 0.94 -17.10
C LEU B 196 20.92 0.56 -18.49
N SER B 197 20.21 0.98 -19.54
CA SER B 197 20.70 0.75 -20.89
C SER B 197 22.04 1.45 -21.12
N VAL B 198 22.21 2.67 -20.56
CA VAL B 198 23.49 3.37 -20.70
C VAL B 198 24.59 2.57 -20.01
N GLU B 199 24.34 2.13 -18.78
CA GLU B 199 25.36 1.44 -18.00
C GLU B 199 25.74 0.12 -18.65
N THR B 200 24.75 -0.65 -19.13
CA THR B 200 25.05 -1.93 -19.78
C THR B 200 25.88 -1.74 -21.04
N GLU B 201 25.67 -0.65 -21.78
CA GLU B 201 26.50 -0.38 -22.95
C GLU B 201 27.87 0.13 -22.56
N ARG B 202 27.96 0.92 -21.50
CA ARG B 202 29.28 1.36 -21.04
C ARG B 202 30.16 0.16 -20.71
N LYS B 203 29.57 -0.88 -20.12
CA LYS B 203 30.32 -2.09 -19.75
C LYS B 203 30.71 -2.96 -20.94
N LYS B 204 30.01 -2.86 -22.07
CA LYS B 204 30.38 -3.62 -23.26
C LYS B 204 31.51 -2.96 -24.05
N LEU B 205 31.83 -1.71 -23.77
CA LEU B 205 32.77 -0.97 -24.60
C LEU B 205 34.19 -1.21 -24.12
N PRO B 206 35.13 -1.19 -25.06
CA PRO B 206 36.55 -1.36 -24.69
C PRO B 206 37.12 -0.15 -23.97
N LYS B 207 38.09 -0.43 -23.10
CA LYS B 207 38.72 0.59 -22.27
C LYS B 207 40.22 0.71 -22.55
N GLU B 208 40.61 0.44 -23.79
CA GLU B 208 42.04 0.39 -24.17
C GLU B 208 42.55 1.79 -24.50
N THR B 209 42.02 2.40 -25.56
CA THR B 209 42.43 3.72 -26.02
C THR B 209 42.10 4.78 -24.97
N LEU B 210 42.86 5.88 -25.00
CA LEU B 210 42.44 7.05 -24.25
C LEU B 210 41.08 7.53 -24.73
N GLU B 211 40.92 7.66 -26.05
CA GLU B 211 39.65 8.10 -26.61
C GLU B 211 38.51 7.15 -26.22
N GLN B 212 38.81 5.85 -26.07
CA GLN B 212 37.80 4.91 -25.60
C GLN B 212 37.42 5.18 -24.13
N GLN B 213 38.39 5.51 -23.29
CA GLN B 213 38.08 5.80 -21.89
C GLN B 213 37.29 7.10 -21.76
N LYS B 214 37.61 8.10 -22.60
CA LYS B 214 36.84 9.34 -22.59
C LYS B 214 35.37 9.06 -22.87
N ARG B 215 35.09 8.19 -23.83
CA ARG B 215 33.70 7.85 -24.13
C ARG B 215 33.03 7.16 -22.94
N ILE B 216 33.75 6.30 -22.22
CA ILE B 216 33.15 5.61 -21.09
C ILE B 216 32.75 6.62 -19.99
N CYS B 217 33.67 7.52 -19.64
CA CYS B 217 33.36 8.54 -18.63
C CYS B 217 32.13 9.35 -19.01
N GLU B 218 32.03 9.79 -20.27
CA GLU B 218 30.88 10.55 -20.72
C GLU B 218 29.60 9.82 -20.34
N MET B 219 29.51 8.55 -20.72
CA MET B 219 28.32 7.75 -20.45
C MET B 219 28.06 7.61 -18.97
N ALA B 220 29.12 7.40 -18.18
CA ALA B 220 28.93 7.37 -16.73
C ALA B 220 28.37 8.69 -16.23
N ALA B 221 28.78 9.82 -16.82
CA ALA B 221 28.26 11.12 -16.41
C ALA B 221 26.80 11.31 -16.87
N TYR B 222 26.46 10.92 -18.11
CA TYR B 222 25.07 10.99 -18.55
C TYR B 222 24.15 10.24 -17.59
N PHE B 223 24.54 9.03 -17.18
CA PHE B 223 23.75 8.24 -16.24
C PHE B 223 23.49 9.02 -14.95
N THR B 224 24.38 9.93 -14.61
CA THR B 224 24.24 10.73 -13.40
C THR B 224 23.03 11.67 -13.46
N HIS B 225 22.52 11.97 -14.66
CA HIS B 225 21.35 12.83 -14.83
C HIS B 225 20.05 12.05 -15.02
N SER B 226 20.07 10.72 -14.87
CA SER B 226 18.85 9.96 -14.77
C SER B 226 18.21 10.23 -13.41
N ASN B 227 16.87 10.25 -13.38
CA ASN B 227 16.14 10.61 -12.15
C ASN B 227 15.70 9.32 -11.47
N LEU B 228 16.59 8.75 -10.66
CA LEU B 228 16.35 7.49 -9.97
C LEU B 228 16.12 7.71 -8.47
N GLN B 229 16.03 6.62 -7.78
CA GLN B 229 15.89 6.76 -6.35
C GLN B 229 17.24 7.07 -5.71
N PRO B 230 17.26 7.79 -4.59
CA PRO B 230 18.56 8.24 -4.07
C PRO B 230 19.55 7.11 -3.88
N VAL B 231 19.08 5.95 -3.44
CA VAL B 231 20.00 4.85 -3.18
C VAL B 231 20.67 4.38 -4.47
N HIS B 232 19.96 4.51 -5.58
CA HIS B 232 20.54 4.14 -6.87
C HIS B 232 21.41 5.27 -7.45
N MET B 233 21.02 6.52 -7.26
CA MET B 233 21.86 7.62 -7.74
C MET B 233 23.17 7.71 -6.99
N ILE B 234 23.22 7.20 -5.76
CA ILE B 234 24.51 7.11 -5.07
C ILE B 234 25.44 6.14 -5.79
N LEU B 235 24.91 4.99 -6.22
CA LEU B 235 25.73 4.02 -6.95
C LEU B 235 26.21 4.58 -8.28
N VAL B 236 25.38 5.36 -8.97
CA VAL B 236 25.85 5.84 -10.27
C VAL B 236 26.83 7.00 -10.09
N LEU B 237 26.69 7.79 -9.01
CA LEU B 237 27.69 8.81 -8.72
C LEU B 237 29.01 8.18 -8.28
N ARG B 238 28.95 7.13 -7.45
CA ARG B 238 30.16 6.37 -7.15
C ARG B 238 30.84 5.90 -8.43
N THR B 239 30.08 5.35 -9.38
CA THR B 239 30.69 4.91 -10.63
C THR B 239 31.31 6.09 -11.37
N ALA B 240 30.57 7.19 -11.50
CA ALA B 240 31.12 8.36 -12.20
C ALA B 240 32.32 8.92 -11.48
N LEU B 241 32.35 8.85 -10.14
CA LEU B 241 33.46 9.39 -9.39
C LEU B 241 34.75 8.61 -9.64
N ASN B 242 34.68 7.26 -9.68
CA ASN B 242 35.88 6.47 -10.03
C ASN B 242 36.39 6.82 -11.40
N LEU B 243 35.51 6.73 -12.42
CA LEU B 243 35.98 6.86 -13.78
C LEU B 243 36.58 8.22 -14.03
N PHE B 244 35.96 9.29 -13.50
CA PHE B 244 36.54 10.62 -13.67
C PHE B 244 37.77 10.82 -12.81
N PHE B 245 37.88 10.12 -11.68
CA PHE B 245 39.12 10.22 -10.91
C PHE B 245 40.26 9.50 -11.61
N LYS B 246 40.00 8.32 -12.17
CA LYS B 246 41.04 7.61 -12.91
C LYS B 246 41.44 8.38 -14.18
N LEU B 247 40.50 9.11 -14.79
CA LEU B 247 40.83 9.89 -15.99
C LEU B 247 41.71 11.08 -15.66
N LYS B 248 41.71 11.52 -14.40
CA LYS B 248 42.39 12.74 -13.93
C LYS B 248 41.65 14.00 -14.38
N ASN B 249 40.31 13.90 -14.41
CA ASN B 249 39.42 15.05 -14.53
C ASN B 249 38.87 15.44 -13.16
N PHE B 250 39.73 16.08 -12.35
CA PHE B 250 39.40 16.27 -10.94
C PHE B 250 38.38 17.38 -10.67
N LYS B 251 38.28 18.40 -11.54
CA LYS B 251 37.29 19.44 -11.30
C LYS B 251 35.87 18.90 -11.41
N THR B 252 35.59 18.13 -12.47
CA THR B 252 34.26 17.53 -12.61
C THR B 252 34.05 16.40 -11.60
N ALA B 253 35.07 15.59 -11.35
CA ALA B 253 34.91 14.52 -10.37
C ALA B 253 34.52 15.10 -9.01
N ALA B 254 35.08 16.26 -8.65
CA ALA B 254 34.76 16.82 -7.33
C ALA B 254 33.28 17.09 -7.18
N THR B 255 32.62 17.55 -8.25
CA THR B 255 31.20 17.86 -8.11
C THR B 255 30.35 16.59 -8.06
N PHE B 256 30.76 15.50 -8.74
CA PHE B 256 30.11 14.22 -8.46
C PHE B 256 30.23 13.86 -6.98
N ALA B 257 31.41 14.09 -6.39
CA ALA B 257 31.59 13.75 -4.99
C ALA B 257 30.70 14.60 -4.09
N ARG B 258 30.65 15.91 -4.34
CA ARG B 258 29.82 16.78 -3.51
C ARG B 258 28.34 16.41 -3.63
N ARG B 259 27.90 15.94 -4.81
CA ARG B 259 26.51 15.53 -5.02
C ARG B 259 26.24 14.16 -4.40
N LEU B 260 27.20 13.24 -4.47
CA LEU B 260 27.06 11.97 -3.81
C LEU B 260 26.88 12.17 -2.30
N LEU B 261 27.72 13.02 -1.72
CA LEU B 261 27.68 13.28 -0.27
C LEU B 261 26.34 13.89 0.16
N GLU B 262 25.76 14.75 -0.68
CA GLU B 262 24.50 15.41 -0.33
C GLU B 262 23.29 14.47 -0.38
N LEU B 263 23.37 13.35 -1.10
CA LEU B 263 22.30 12.34 -1.02
C LEU B 263 22.32 11.58 0.30
N GLY B 264 23.41 11.63 1.04
CA GLY B 264 23.49 11.01 2.34
C GLY B 264 23.81 9.53 2.29
N PRO B 265 24.99 9.18 1.79
CA PRO B 265 25.36 7.76 1.67
C PRO B 265 25.69 7.18 3.04
N LYS B 266 25.80 5.85 3.06
CA LYS B 266 26.12 5.15 4.30
C LYS B 266 27.53 5.56 4.74
N PRO B 267 27.85 5.44 6.03
CA PRO B 267 29.09 6.04 6.55
C PRO B 267 30.37 5.63 5.83
N GLU B 268 30.52 4.36 5.45
CA GLU B 268 31.77 3.96 4.81
C GLU B 268 31.97 4.69 3.47
N VAL B 269 30.90 4.85 2.70
CA VAL B 269 31.02 5.50 1.40
C VAL B 269 31.24 6.99 1.53
N ALA B 270 30.68 7.61 2.58
CA ALA B 270 30.98 9.02 2.82
C ALA B 270 32.46 9.20 3.06
N GLN B 271 33.07 8.31 3.83
CA GLN B 271 34.49 8.42 4.15
C GLN B 271 35.34 8.22 2.91
N GLN B 272 35.05 7.18 2.12
CA GLN B 272 35.77 7.00 0.85
C GLN B 272 35.57 8.20 -0.07
N THR B 273 34.37 8.80 -0.04
CA THR B 273 34.09 9.94 -0.91
C THR B 273 34.77 11.21 -0.42
N ARG B 274 34.79 11.45 0.90
CA ARG B 274 35.44 12.64 1.43
C ARG B 274 36.93 12.63 1.13
N LYS B 275 37.56 11.45 1.16
CA LYS B 275 38.99 11.34 0.88
C LYS B 275 39.27 11.61 -0.59
N ILE B 276 38.40 11.12 -1.48
CA ILE B 276 38.53 11.42 -2.91
C ILE B 276 38.25 12.90 -3.18
N LEU B 277 37.38 13.54 -2.39
CA LEU B 277 37.09 14.94 -2.63
C LEU B 277 38.26 15.82 -2.20
N SER B 278 38.80 15.63 -1.00
CA SER B 278 39.87 16.53 -0.58
C SER B 278 41.14 16.33 -1.41
N ALA B 279 41.28 15.18 -2.07
CA ALA B 279 42.33 15.00 -3.06
C ALA B 279 42.02 15.76 -4.35
N CYS B 280 40.74 15.84 -4.75
CA CYS B 280 40.39 16.60 -5.94
C CYS B 280 40.63 18.09 -5.74
N GLU B 281 40.31 18.62 -4.54
CA GLU B 281 40.42 20.06 -4.33
C GLU B 281 41.87 20.51 -4.21
N LYS B 282 42.81 19.59 -3.98
CA LYS B 282 44.24 19.83 -3.96
C LYS B 282 44.88 19.87 -5.35
N ASN B 283 44.05 19.88 -6.39
CA ASN B 283 44.44 19.83 -7.80
C ASN B 283 43.18 19.95 -8.65
N PRO B 284 42.38 21.02 -8.49
CA PRO B 284 41.04 21.02 -9.10
C PRO B 284 41.06 21.31 -10.60
N THR B 285 41.74 20.44 -11.36
CA THR B 285 41.91 20.62 -12.80
C THR B 285 41.44 19.39 -13.57
N ASP B 286 40.68 19.63 -14.63
CA ASP B 286 40.26 18.59 -15.57
C ASP B 286 41.31 18.44 -16.68
N ALA B 287 41.75 17.19 -16.91
CA ALA B 287 42.76 16.94 -17.93
C ALA B 287 42.21 17.00 -19.36
N TYR B 288 40.91 16.71 -19.57
CA TYR B 288 40.39 16.56 -20.92
C TYR B 288 39.04 17.25 -21.07
N GLN B 289 38.81 17.78 -22.26
CA GLN B 289 37.50 18.31 -22.61
C GLN B 289 36.61 17.14 -23.03
N LEU B 290 35.61 16.82 -22.20
CA LEU B 290 34.64 15.80 -22.55
C LEU B 290 33.34 16.45 -23.03
N ASN B 291 32.52 15.66 -23.73
CA ASN B 291 31.22 16.13 -24.20
C ASN B 291 30.19 15.83 -23.11
N TYR B 292 30.22 16.66 -22.07
CA TYR B 292 29.30 16.55 -20.94
C TYR B 292 29.22 17.92 -20.33
N ASP B 293 28.02 18.48 -20.31
CA ASP B 293 27.78 19.81 -19.77
C ASP B 293 27.06 19.70 -18.44
N MET B 294 27.72 20.13 -17.37
CA MET B 294 27.12 20.07 -16.05
C MET B 294 25.97 21.05 -15.93
N HIS B 295 26.20 22.30 -16.34
CA HIS B 295 25.22 23.38 -16.24
C HIS B 295 24.42 23.53 -17.54
N ASN B 296 23.81 22.44 -17.97
CA ASN B 296 23.01 22.55 -19.19
C ASN B 296 22.10 21.34 -19.32
N PRO B 297 20.79 21.53 -19.18
CA PRO B 297 19.89 20.37 -19.18
C PRO B 297 19.86 19.70 -20.53
N PHE B 298 19.79 18.38 -20.51
CA PHE B 298 19.74 17.59 -21.74
C PHE B 298 18.87 16.37 -21.47
N ASP B 299 18.51 15.67 -22.55
CA ASP B 299 17.91 14.35 -22.48
C ASP B 299 18.86 13.35 -23.12
N ILE B 300 18.79 12.09 -22.67
CA ILE B 300 19.69 11.05 -23.18
C ILE B 300 19.04 10.38 -24.39
N CYS B 301 19.72 10.44 -25.54
CA CYS B 301 19.21 9.71 -26.70
C CYS B 301 19.18 8.22 -26.41
N ALA B 302 17.99 7.62 -26.32
CA ALA B 302 17.92 6.24 -25.87
C ALA B 302 18.31 5.22 -26.93
N ALA B 303 18.90 5.64 -28.06
CA ALA B 303 19.42 4.74 -29.08
C ALA B 303 20.91 4.90 -29.34
N SER B 304 21.44 6.11 -29.26
CA SER B 304 22.85 6.37 -29.51
C SER B 304 23.59 6.79 -28.26
N TYR B 305 22.88 7.06 -27.16
CA TYR B 305 23.46 7.38 -25.87
C TYR B 305 24.31 8.65 -25.91
N ARG B 306 23.85 9.65 -26.66
CA ARG B 306 24.48 10.95 -26.65
C ARG B 306 23.48 11.97 -26.11
N PRO B 307 23.96 13.10 -25.58
CA PRO B 307 23.05 14.09 -24.98
C PRO B 307 22.35 14.94 -26.03
N ILE B 308 21.08 15.25 -25.76
CA ILE B 308 20.27 16.16 -26.58
C ILE B 308 19.92 17.36 -25.69
N TYR B 309 20.53 18.51 -25.97
CA TYR B 309 20.42 19.67 -25.08
C TYR B 309 19.10 20.39 -25.34
N ARG B 310 18.43 20.77 -24.24
CA ARG B 310 16.98 21.05 -24.20
C ARG B 310 16.41 21.85 -25.35
N GLY B 311 17.20 22.69 -26.00
CA GLY B 311 16.67 23.41 -27.14
C GLY B 311 16.62 22.61 -28.43
N LYS B 312 17.54 21.65 -28.59
CA LYS B 312 17.76 21.02 -29.89
C LYS B 312 16.59 20.09 -30.26
N PRO B 313 16.49 19.69 -31.53
CA PRO B 313 15.34 18.87 -31.94
C PRO B 313 15.38 17.46 -31.37
N VAL B 314 14.19 16.96 -31.03
CA VAL B 314 13.96 15.62 -30.48
C VAL B 314 12.73 14.99 -31.13
N GLU B 315 12.75 13.66 -31.27
CA GLU B 315 11.55 12.87 -31.50
C GLU B 315 11.38 11.95 -30.31
N LYS B 316 10.14 11.78 -29.84
CA LYS B 316 9.89 11.11 -28.57
C LYS B 316 9.05 9.85 -28.74
N CYS B 317 9.12 9.00 -27.75
CA CYS B 317 8.20 7.88 -27.66
C CYS B 317 6.86 8.38 -27.14
N PRO B 318 5.75 8.12 -27.83
CA PRO B 318 4.47 8.74 -27.46
C PRO B 318 3.85 8.19 -26.18
N LEU B 319 4.39 7.08 -25.66
CA LEU B 319 3.95 6.43 -24.43
C LEU B 319 4.89 6.71 -23.25
N SER B 320 6.20 6.53 -23.46
CA SER B 320 7.14 6.56 -22.32
C SER B 320 7.82 7.89 -22.11
N GLY B 321 7.99 8.68 -23.16
CA GLY B 321 8.79 9.88 -23.06
C GLY B 321 10.27 9.69 -23.33
N ALA B 322 10.66 8.54 -23.88
CA ALA B 322 12.04 8.31 -24.25
C ALA B 322 12.44 9.28 -25.36
N CYS B 323 13.57 9.94 -25.19
CA CYS B 323 14.01 10.93 -26.18
C CYS B 323 14.97 10.30 -27.17
N TYR B 324 14.90 10.75 -28.42
CA TYR B 324 15.76 10.23 -29.46
C TYR B 324 16.25 11.39 -30.29
N SER B 325 17.48 11.28 -30.77
CA SER B 325 17.91 12.25 -31.76
C SER B 325 17.12 12.01 -33.04
N PRO B 326 16.91 13.06 -33.85
CA PRO B 326 15.90 12.98 -34.90
C PRO B 326 16.12 11.90 -35.93
N GLU B 327 17.34 11.36 -36.09
CA GLU B 327 17.55 10.36 -37.15
C GLU B 327 16.60 9.20 -37.02
N PHE B 328 16.11 8.94 -35.81
CA PHE B 328 15.43 7.70 -35.45
C PHE B 328 13.91 7.79 -35.59
N LYS B 329 13.35 8.93 -35.99
CA LYS B 329 11.90 9.02 -36.14
C LYS B 329 11.39 7.91 -37.05
N GLY B 330 10.34 7.22 -36.60
CA GLY B 330 9.74 6.12 -37.33
C GLY B 330 10.18 4.73 -36.91
N GLN B 331 11.25 4.60 -36.14
CA GLN B 331 11.80 3.33 -35.69
C GLN B 331 11.15 2.89 -34.38
N ILE B 332 11.48 1.68 -33.96
CA ILE B 332 10.90 1.09 -32.76
C ILE B 332 11.68 1.54 -31.54
N CYS B 333 10.98 2.19 -30.61
CA CYS B 333 11.59 2.71 -29.40
C CYS B 333 12.33 1.62 -28.63
N ARG B 334 13.62 1.86 -28.34
CA ARG B 334 14.43 0.88 -27.62
C ARG B 334 13.94 0.63 -26.19
N VAL B 335 13.26 1.61 -25.59
CA VAL B 335 12.77 1.47 -24.22
C VAL B 335 11.53 0.57 -24.16
N THR B 336 10.44 0.97 -24.80
CA THR B 336 9.20 0.19 -24.71
C THR B 336 9.27 -1.05 -25.57
N THR B 337 9.99 -0.99 -26.69
CA THR B 337 10.23 -2.10 -27.58
C THR B 337 9.02 -2.32 -28.52
N VAL B 338 7.96 -1.51 -28.41
CA VAL B 338 6.73 -1.67 -29.21
C VAL B 338 6.19 -0.39 -29.85
N THR B 339 6.78 0.79 -29.58
CA THR B 339 6.19 2.03 -30.06
C THR B 339 6.99 2.67 -31.19
N GLU B 340 6.37 3.67 -31.84
CA GLU B 340 6.94 4.37 -32.99
C GLU B 340 7.46 5.74 -32.56
N ILE B 341 8.78 5.93 -32.67
CA ILE B 341 9.40 7.17 -32.22
C ILE B 341 8.84 8.34 -33.03
N GLY B 342 8.24 9.29 -32.33
CA GLY B 342 7.76 10.51 -32.93
C GLY B 342 6.36 10.47 -33.52
N LYS B 343 5.62 9.38 -33.33
CA LYS B 343 4.25 9.34 -33.81
C LYS B 343 3.36 10.24 -32.95
N ASP B 344 2.46 10.97 -33.61
CA ASP B 344 1.46 11.77 -32.90
C ASP B 344 0.28 10.90 -32.50
N VAL B 345 -0.13 10.96 -31.22
CA VAL B 345 -1.16 10.07 -30.72
C VAL B 345 -2.15 10.83 -29.82
N ILE B 346 -3.31 10.19 -29.63
CA ILE B 346 -4.37 10.72 -28.78
C ILE B 346 -3.87 10.90 -27.35
N GLY B 347 -3.05 9.98 -26.88
CA GLY B 347 -2.62 9.92 -25.49
C GLY B 347 -3.17 8.68 -24.79
N LEU B 348 -2.46 8.25 -23.75
CA LEU B 348 -2.90 7.14 -22.92
C LEU B 348 -4.37 7.29 -22.50
N ARG B 349 -5.12 6.19 -22.60
CA ARG B 349 -6.51 6.11 -22.13
C ARG B 349 -6.63 4.88 -21.25
N ILE B 350 -6.99 5.09 -19.98
CA ILE B 350 -7.08 4.03 -18.98
C ILE B 350 -8.20 4.34 -17.98
N SER B 351 -9.16 5.20 -18.36
CA SER B 351 -10.25 5.50 -17.43
C SER B 351 -11.49 5.97 -18.18
N PRO B 352 -12.67 5.59 -17.71
CA PRO B 352 -13.90 6.23 -18.24
C PRO B 352 -13.89 7.74 -18.15
N LEU B 353 -13.19 8.33 -17.17
CA LEU B 353 -13.11 9.79 -17.03
C LEU B 353 -12.82 10.49 -18.35
N GLN B 354 -11.95 9.90 -19.16
CA GLN B 354 -11.39 10.56 -20.34
C GLN B 354 -12.34 10.55 -21.53
N PHE B 355 -13.59 10.19 -21.32
CA PHE B 355 -14.61 10.14 -22.36
C PHE B 355 -15.87 10.81 -21.79
N ARG B 356 -15.78 12.12 -21.62
CA ARG B 356 -16.82 12.93 -20.98
C ARG B 356 -18.10 12.92 -21.81
N ASP C 31 48.80 34.12 11.28
CA ASP C 31 48.40 33.69 12.62
C ASP C 31 48.97 32.29 12.96
N GLU C 32 49.84 32.25 13.98
CA GLU C 32 50.53 31.02 14.34
C GLU C 32 49.60 29.98 14.94
N LEU C 33 48.55 30.40 15.64
CA LEU C 33 47.61 29.51 16.30
C LEU C 33 46.39 29.22 15.45
N PHE C 34 46.49 29.40 14.13
CA PHE C 34 45.32 29.28 13.28
C PHE C 34 44.75 27.86 13.32
N ASP C 35 45.60 26.86 13.13
CA ASP C 35 45.11 25.49 13.15
C ASP C 35 44.54 25.11 14.52
N VAL C 36 45.17 25.62 15.59
CA VAL C 36 44.73 25.30 16.95
C VAL C 36 43.31 25.80 17.18
N LYS C 37 43.07 27.08 16.89
CA LYS C 37 41.76 27.68 17.13
C LYS C 37 40.67 27.07 16.23
N ASN C 38 40.99 26.80 14.96
CA ASN C 38 39.99 26.22 14.06
C ASN C 38 39.59 24.84 14.53
N ALA C 39 40.58 24.01 14.88
CA ALA C 39 40.28 22.67 15.37
C ALA C 39 39.33 22.73 16.55
N PHE C 40 39.58 23.65 17.49
CA PHE C 40 38.70 23.77 18.65
C PHE C 40 37.27 24.11 18.24
N TYR C 41 37.09 25.15 17.44
CA TYR C 41 35.74 25.68 17.24
C TYR C 41 34.81 24.75 16.45
N ILE C 42 35.34 23.83 15.62
CA ILE C 42 34.47 22.88 14.94
C ILE C 42 34.28 21.64 15.81
N GLY C 43 34.81 21.69 17.03
CA GLY C 43 34.58 20.56 17.91
C GLY C 43 35.52 19.41 17.69
N SER C 44 36.69 19.66 17.13
CA SER C 44 37.71 18.63 16.94
C SER C 44 38.76 18.81 18.03
N TYR C 45 38.35 18.51 19.27
CA TYR C 45 39.11 18.94 20.44
C TYR C 45 40.46 18.25 20.54
N GLN C 46 40.54 16.97 20.16
CA GLN C 46 41.80 16.26 20.32
C GLN C 46 42.82 16.72 19.30
N GLN C 47 42.36 17.03 18.08
CA GLN C 47 43.27 17.59 17.09
C GLN C 47 43.77 18.95 17.56
N CYS C 48 42.88 19.74 18.17
CA CYS C 48 43.31 20.97 18.79
C CYS C 48 44.44 20.71 19.78
N ILE C 49 44.25 19.74 20.67
CA ILE C 49 45.26 19.42 21.68
C ILE C 49 46.56 18.98 21.02
N ASN C 50 46.46 18.07 20.04
CA ASN C 50 47.66 17.56 19.39
C ASN C 50 48.43 18.68 18.72
N GLU C 51 47.76 19.58 18.03
CA GLU C 51 48.48 20.66 17.37
C GLU C 51 48.90 21.76 18.34
N ALA C 52 48.28 21.87 19.52
CA ALA C 52 48.72 22.85 20.51
C ALA C 52 50.05 22.45 21.14
N GLN C 53 50.24 21.15 21.39
CA GLN C 53 51.53 20.71 21.93
C GLN C 53 52.64 20.72 20.88
N ARG C 54 52.35 20.94 19.59
CA ARG C 54 53.39 20.91 18.58
C ARG C 54 53.93 22.28 18.20
N VAL C 55 53.16 23.36 18.38
CA VAL C 55 53.55 24.68 17.87
C VAL C 55 54.56 25.33 18.80
N LYS C 56 55.47 26.10 18.19
CA LYS C 56 56.54 26.81 18.87
C LYS C 56 56.15 28.26 19.16
N LEU C 57 56.48 28.69 20.38
CA LEU C 57 56.04 29.94 20.99
C LEU C 57 56.89 31.13 20.55
N SER C 58 56.42 31.88 19.54
CA SER C 58 57.20 32.99 19.02
C SER C 58 57.04 34.27 19.84
N SER C 59 56.73 34.10 21.14
CA SER C 59 56.54 35.14 22.15
C SER C 59 55.95 34.47 23.39
N PRO C 60 55.85 35.16 24.54
CA PRO C 60 55.01 34.67 25.63
C PRO C 60 53.57 35.16 25.58
N GLU C 61 53.26 36.15 24.74
CA GLU C 61 51.87 36.52 24.49
C GLU C 61 51.14 35.39 23.77
N ARG C 62 51.72 34.90 22.68
CA ARG C 62 51.22 33.71 22.01
C ARG C 62 51.21 32.51 22.96
N ASP C 63 52.16 32.45 23.89
CA ASP C 63 52.31 31.32 24.80
C ASP C 63 51.03 31.09 25.62
N VAL C 64 50.54 32.14 26.27
CA VAL C 64 49.33 31.99 27.09
C VAL C 64 48.12 31.70 26.21
N GLU C 65 48.08 32.31 25.02
CA GLU C 65 46.94 32.11 24.14
C GLU C 65 46.77 30.63 23.80
N ARG C 66 47.87 29.94 23.50
CA ARG C 66 47.82 28.50 23.23
C ARG C 66 47.34 27.72 24.44
N ASP C 67 47.97 27.95 25.60
CA ASP C 67 47.59 27.23 26.81
C ASP C 67 46.10 27.37 27.10
N VAL C 68 45.52 28.55 26.83
CA VAL C 68 44.08 28.72 27.03
C VAL C 68 43.31 27.73 26.16
N PHE C 69 43.61 27.67 24.87
CA PHE C 69 42.86 26.77 24.01
C PHE C 69 43.14 25.31 24.32
N LEU C 70 44.40 24.97 24.65
CA LEU C 70 44.70 23.62 25.11
C LEU C 70 43.76 23.21 26.22
N TYR C 71 43.63 24.06 27.23
CA TYR C 71 42.80 23.73 28.37
C TYR C 71 41.31 23.83 28.08
N ARG C 72 40.88 24.75 27.21
CA ARG C 72 39.48 24.70 26.78
C ARG C 72 39.20 23.39 26.05
N ALA C 73 40.17 22.85 25.32
CA ALA C 73 39.95 21.58 24.63
C ALA C 73 39.81 20.42 25.61
N TYR C 74 40.68 20.34 26.62
CA TYR C 74 40.47 19.34 27.66
C TYR C 74 39.13 19.55 28.34
N LEU C 75 38.76 20.81 28.58
CA LEU C 75 37.45 21.12 29.12
C LEU C 75 36.33 20.49 28.29
N ALA C 76 36.44 20.58 26.97
CA ALA C 76 35.41 20.07 26.09
C ALA C 76 35.40 18.54 26.05
N GLN C 77 36.54 17.91 26.33
CA GLN C 77 36.57 16.46 26.48
C GLN C 77 36.09 16.02 27.87
N ARG C 78 35.57 16.96 28.67
CA ARG C 78 35.14 16.71 30.05
CA ARG C 78 35.13 16.69 30.04
C ARG C 78 36.27 16.14 30.91
N LYS C 79 37.51 16.45 30.55
CA LYS C 79 38.68 16.11 31.35
C LYS C 79 39.04 17.30 32.25
N PHE C 80 38.12 17.61 33.16
CA PHE C 80 38.29 18.74 34.08
C PHE C 80 39.49 18.57 34.99
N GLY C 81 39.87 17.32 35.28
CA GLY C 81 41.01 17.09 36.16
C GLY C 81 42.30 17.67 35.63
N VAL C 82 42.51 17.58 34.31
CA VAL C 82 43.71 18.15 33.69
C VAL C 82 43.75 19.64 33.93
N VAL C 83 42.64 20.33 33.65
CA VAL C 83 42.58 21.78 33.85
C VAL C 83 42.78 22.14 35.32
N LEU C 84 42.15 21.39 36.23
CA LEU C 84 42.17 21.77 37.63
C LEU C 84 43.52 21.50 38.26
N ASP C 85 44.19 20.42 37.86
CA ASP C 85 45.48 20.09 38.47
C ASP C 85 46.60 20.97 37.93
N GLU C 86 46.56 21.36 36.66
CA GLU C 86 47.71 22.01 36.03
C GLU C 86 47.65 23.54 36.09
N ILE C 87 46.48 24.14 36.26
CA ILE C 87 46.35 25.58 36.44
C ILE C 87 46.41 25.91 37.92
N LYS C 88 47.48 26.55 38.34
CA LYS C 88 47.78 26.83 39.74
C LYS C 88 47.38 28.27 40.08
N PRO C 89 47.50 28.72 41.33
CA PRO C 89 47.23 30.15 41.60
C PRO C 89 48.24 31.07 40.95
N SER C 90 49.43 30.57 40.62
CA SER C 90 50.48 31.33 39.96
C SER C 90 50.30 31.42 38.45
N SER C 91 49.34 30.71 37.87
CA SER C 91 49.22 30.73 36.43
C SER C 91 48.60 32.05 35.95
N ALA C 92 48.80 32.32 34.66
CA ALA C 92 48.36 33.58 34.08
C ALA C 92 46.87 33.80 34.31
N PRO C 93 46.44 35.06 34.43
CA PRO C 93 45.02 35.37 34.67
C PRO C 93 44.03 34.71 33.72
N GLU C 94 44.32 34.66 32.42
CA GLU C 94 43.40 34.02 31.49
C GLU C 94 43.18 32.56 31.86
N LEU C 95 44.24 31.87 32.29
CA LEU C 95 44.11 30.47 32.65
C LEU C 95 43.27 30.29 33.92
N GLN C 96 43.36 31.24 34.87
CA GLN C 96 42.48 31.18 36.05
C GLN C 96 41.02 31.17 35.65
N ALA C 97 40.67 31.86 34.55
CA ALA C 97 39.27 31.98 34.13
C ALA C 97 38.77 30.70 33.51
N VAL C 98 39.62 30.04 32.72
CA VAL C 98 39.32 28.70 32.25
C VAL C 98 39.18 27.76 33.43
N ARG C 99 40.06 27.90 34.43
CA ARG C 99 39.99 27.01 35.59
C ARG C 99 38.70 27.25 36.38
N MET C 100 38.30 28.51 36.52
CA MET C 100 37.00 28.84 37.10
C MET C 100 35.87 28.07 36.39
N PHE C 101 35.83 28.14 35.07
CA PHE C 101 34.81 27.42 34.33
C PHE C 101 34.92 25.92 34.56
N ALA C 102 36.16 25.41 34.64
CA ALA C 102 36.34 23.97 34.85
C ALA C 102 35.86 23.58 36.23
N ASP C 103 36.25 24.35 37.25
CA ASP C 103 35.70 24.19 38.59
C ASP C 103 34.17 24.15 38.54
N TYR C 104 33.56 25.12 37.87
CA TYR C 104 32.10 25.18 37.80
C TYR C 104 31.52 23.92 37.17
N LEU C 105 32.04 23.50 36.02
CA LEU C 105 31.44 22.33 35.34
C LEU C 105 31.63 21.03 36.11
N ALA C 106 32.69 20.91 36.90
CA ALA C 106 33.04 19.63 37.50
C ALA C 106 32.38 19.40 38.85
N HIS C 107 32.24 20.47 39.63
CA HIS C 107 31.88 20.37 41.04
C HIS C 107 30.56 21.09 41.19
N GLU C 108 29.47 20.34 41.03
CA GLU C 108 28.13 20.89 41.15
C GLU C 108 27.91 21.63 42.48
N SER C 109 28.47 21.09 43.59
CA SER C 109 28.22 21.69 44.89
C SER C 109 28.68 23.13 44.96
N ARG C 110 29.75 23.48 44.25
CA ARG C 110 30.34 24.80 44.32
C ARG C 110 29.70 25.80 43.38
N ARG C 111 28.70 25.40 42.59
CA ARG C 111 28.18 26.28 41.56
C ARG C 111 27.56 27.54 42.13
N ASP C 112 26.73 27.41 43.18
CA ASP C 112 26.12 28.59 43.79
C ASP C 112 27.19 29.52 44.34
N SER C 113 28.27 28.96 44.92
CA SER C 113 29.32 29.83 45.47
C SER C 113 30.25 30.38 44.39
N ILE C 114 30.47 29.63 43.30
CA ILE C 114 31.26 30.14 42.20
C ILE C 114 30.53 31.28 41.50
N VAL C 115 29.25 31.05 41.15
CA VAL C 115 28.42 32.12 40.59
C VAL C 115 28.37 33.30 41.57
N ALA C 116 28.29 33.00 42.86
CA ALA C 116 28.30 34.06 43.86
C ALA C 116 29.54 34.93 43.71
N GLU C 117 30.74 34.34 43.74
CA GLU C 117 31.95 35.16 43.61
C GLU C 117 32.07 35.75 42.22
N LEU C 118 31.60 35.05 41.21
CA LEU C 118 31.63 35.65 39.87
C LEU C 118 30.85 36.96 39.88
N ASP C 119 29.71 37.00 40.60
CA ASP C 119 28.96 38.24 40.73
C ASP C 119 29.79 39.32 41.41
N ARG C 120 30.54 38.97 42.47
CA ARG C 120 31.37 39.95 43.14
C ARG C 120 32.48 40.44 42.23
N GLU C 121 33.15 39.53 41.52
CA GLU C 121 34.20 39.93 40.58
C GLU C 121 33.65 40.87 39.51
N MET C 122 32.50 40.53 38.93
CA MET C 122 31.95 41.34 37.83
C MET C 122 31.57 42.75 38.27
N SER C 123 31.08 42.93 39.52
CA SER C 123 30.77 44.27 40.00
C SER C 123 32.01 45.11 40.27
N ARG C 124 33.20 44.50 40.33
CA ARG C 124 34.44 45.19 40.63
C ARG C 124 34.97 45.76 39.32
N SER C 125 36.17 46.35 39.34
CA SER C 125 36.77 46.84 38.09
C SER C 125 37.03 45.66 37.16
N VAL C 126 36.72 45.85 35.87
CA VAL C 126 36.80 44.77 34.89
C VAL C 126 37.77 45.17 33.80
N ASP C 127 38.67 44.25 33.43
CA ASP C 127 39.64 44.42 32.36
C ASP C 127 39.00 44.05 31.01
N VAL C 128 38.93 45.02 30.10
CA VAL C 128 38.30 44.78 28.79
C VAL C 128 39.21 44.01 27.84
N THR C 129 40.55 44.08 28.00
CA THR C 129 41.43 43.38 27.06
C THR C 129 41.53 41.88 27.33
N ASN C 130 41.12 41.41 28.51
CA ASN C 130 41.15 39.99 28.83
C ASN C 130 39.88 39.35 28.25
N THR C 131 39.98 39.03 26.96
CA THR C 131 38.86 38.42 26.25
C THR C 131 38.50 37.06 26.84
N THR C 132 39.50 36.33 27.33
CA THR C 132 39.25 34.98 27.85
C THR C 132 38.37 35.01 29.09
N PHE C 133 38.56 36.00 29.96
CA PHE C 133 37.75 36.03 31.19
C PHE C 133 36.29 36.33 30.91
N LEU C 134 36.02 37.16 29.91
CA LEU C 134 34.63 37.50 29.62
C LEU C 134 33.89 36.32 28.99
N LEU C 135 34.55 35.58 28.10
CA LEU C 135 33.94 34.36 27.56
C LEU C 135 33.71 33.32 28.64
N MET C 136 34.69 33.14 29.53
CA MET C 136 34.52 32.18 30.62
C MET C 136 33.46 32.65 31.61
N ALA C 137 33.40 33.95 31.87
CA ALA C 137 32.35 34.48 32.72
C ALA C 137 30.97 34.22 32.12
N ALA C 138 30.79 34.61 30.85
CA ALA C 138 29.50 34.45 30.18
C ALA C 138 29.12 32.98 30.02
N SER C 139 30.12 32.11 29.78
CA SER C 139 29.86 30.69 29.72
C SER C 139 29.24 30.19 31.02
N ILE C 140 29.78 30.61 32.17
CA ILE C 140 29.23 30.19 33.46
C ILE C 140 27.80 30.71 33.63
N TYR C 141 27.57 31.98 33.28
CA TYR C 141 26.22 32.54 33.41
C TYR C 141 25.24 31.82 32.50
N LEU C 142 25.66 31.55 31.26
CA LEU C 142 24.80 30.88 30.31
C LEU C 142 24.35 29.51 30.83
N HIS C 143 25.25 28.77 31.48
CA HIS C 143 24.86 27.49 32.09
C HIS C 143 23.94 27.70 33.29
N ASP C 144 24.20 28.75 34.07
CA ASP C 144 23.37 29.09 35.21
C ASP C 144 22.08 29.78 34.78
N GLN C 145 21.76 29.71 33.48
CA GLN C 145 20.49 30.15 32.91
C GLN C 145 20.24 31.63 33.20
N ASN C 146 21.29 32.42 33.05
CA ASN C 146 21.25 33.85 33.36
C ASN C 146 21.77 34.57 32.13
N PRO C 147 21.00 34.54 31.03
CA PRO C 147 21.49 35.15 29.78
C PRO C 147 21.67 36.65 29.88
N ASP C 148 20.85 37.34 30.69
CA ASP C 148 21.03 38.78 30.86
C ASP C 148 22.41 39.09 31.42
N ALA C 149 22.85 38.30 32.41
CA ALA C 149 24.21 38.48 32.94
C ALA C 149 25.26 38.23 31.86
N ALA C 150 25.07 37.19 31.05
CA ALA C 150 26.08 36.83 30.06
C ALA C 150 26.23 37.89 28.98
N LEU C 151 25.12 38.56 28.62
CA LEU C 151 25.21 39.62 27.62
C LEU C 151 25.87 40.87 28.19
N ARG C 152 25.60 41.20 29.47
CA ARG C 152 26.24 42.34 30.11
C ARG C 152 27.75 42.15 30.17
N ALA C 153 28.21 40.90 30.27
CA ALA C 153 29.63 40.59 30.25
C ALA C 153 30.22 40.70 28.84
N LEU C 154 29.53 40.13 27.85
CA LEU C 154 30.07 40.15 26.49
C LEU C 154 30.09 41.55 25.90
N HIS C 155 29.17 42.42 26.31
CA HIS C 155 29.16 43.78 25.76
C HIS C 155 30.50 44.47 26.00
N GLN C 156 31.19 44.07 27.08
CA GLN C 156 32.43 44.69 27.52
C GLN C 156 33.65 44.25 26.73
N GLY C 157 33.54 43.23 25.87
CA GLY C 157 34.68 42.70 25.16
C GLY C 157 34.68 43.06 23.69
N ASP C 158 35.88 43.13 23.12
CA ASP C 158 36.06 43.39 21.69
C ASP C 158 36.95 42.30 21.11
N SER C 159 36.32 41.27 20.53
CA SER C 159 37.04 40.18 19.89
C SER C 159 36.07 39.40 19.04
N LEU C 160 36.61 38.56 18.15
CA LEU C 160 35.75 37.86 17.22
C LEU C 160 34.90 36.80 17.92
N GLU C 161 35.50 36.03 18.83
CA GLU C 161 34.74 35.03 19.58
C GLU C 161 33.72 35.67 20.52
N CYS C 162 34.03 36.85 21.06
CA CYS C 162 33.06 37.55 21.90
C CYS C 162 31.80 37.88 21.10
N THR C 163 31.98 38.34 19.87
CA THR C 163 30.83 38.65 19.03
C THR C 163 30.04 37.38 18.71
N ALA C 164 30.74 36.30 18.36
CA ALA C 164 30.07 35.05 17.95
C ALA C 164 29.23 34.47 19.07
N MET C 165 29.72 34.53 20.31
CA MET C 165 28.94 34.03 21.42
C MET C 165 27.68 34.85 21.64
N THR C 166 27.73 36.15 21.32
CA THR C 166 26.51 36.95 21.41
C THR C 166 25.50 36.51 20.36
N VAL C 167 25.96 36.26 19.13
CA VAL C 167 25.11 35.72 18.09
C VAL C 167 24.41 34.45 18.57
N GLN C 168 25.16 33.57 19.25
CA GLN C 168 24.53 32.38 19.78
C GLN C 168 23.45 32.74 20.78
N ILE C 169 23.73 33.69 21.68
CA ILE C 169 22.76 34.00 22.73
C ILE C 169 21.55 34.72 22.16
N LEU C 170 21.77 35.66 21.22
CA LEU C 170 20.62 36.31 20.58
C LEU C 170 19.75 35.30 19.85
N LEU C 171 20.36 34.29 19.23
CA LEU C 171 19.58 33.25 18.57
C LEU C 171 18.76 32.44 19.58
N LYS C 172 19.34 32.15 20.76
CA LYS C 172 18.56 31.46 21.79
C LYS C 172 17.39 32.32 22.28
N LEU C 173 17.54 33.63 22.24
CA LEU C 173 16.47 34.55 22.61
C LEU C 173 15.50 34.84 21.47
N ASP C 174 15.63 34.11 20.36
CA ASP C 174 14.74 34.26 19.20
C ASP C 174 14.68 35.72 18.75
N ARG C 175 15.80 36.41 18.89
CA ARG C 175 15.98 37.75 18.34
C ARG C 175 16.86 37.65 17.10
N LEU C 176 16.30 37.01 16.07
CA LEU C 176 17.00 36.89 14.81
C LEU C 176 17.30 38.26 14.19
N ASP C 177 16.48 39.27 14.48
CA ASP C 177 16.73 40.61 13.93
C ASP C 177 18.02 41.19 14.47
N LEU C 178 18.22 41.16 15.79
CA LEU C 178 19.45 41.67 16.38
C LEU C 178 20.66 40.81 16.02
N ALA C 179 20.47 39.48 15.96
CA ALA C 179 21.60 38.60 15.63
C ALA C 179 22.19 38.94 14.26
N ARG C 180 21.34 39.21 13.25
CA ARG C 180 21.84 39.56 11.93
C ARG C 180 22.78 40.76 11.97
N LYS C 181 22.55 41.72 12.89
CA LYS C 181 23.42 42.88 12.97
C LYS C 181 24.77 42.53 13.61
N GLU C 182 24.78 41.73 14.68
CA GLU C 182 26.05 41.30 15.26
C GLU C 182 26.84 40.41 14.30
N LEU C 183 26.15 39.58 13.52
CA LEU C 183 26.81 38.83 12.45
C LEU C 183 27.45 39.76 11.44
N LYS C 184 26.77 40.86 11.08
CA LYS C 184 27.33 41.80 10.09
C LYS C 184 28.64 42.37 10.58
N ARG C 185 28.75 42.65 11.89
CA ARG C 185 30.02 43.14 12.44
C ARG C 185 31.15 42.18 12.11
N MET C 186 30.92 40.87 12.27
CA MET C 186 32.00 39.93 11.97
C MET C 186 32.17 39.73 10.45
N GLN C 187 31.10 39.90 9.66
CA GLN C 187 31.25 39.83 8.21
C GLN C 187 32.05 41.01 7.65
N ASP C 188 31.87 42.22 8.20
CA ASP C 188 32.67 43.35 7.75
C ASP C 188 34.13 43.21 8.15
N LEU C 189 34.36 42.60 9.32
CA LEU C 189 35.69 42.52 9.89
C LEU C 189 36.51 41.38 9.28
N ASP C 190 35.88 40.21 9.06
CA ASP C 190 36.59 39.03 8.55
C ASP C 190 35.56 38.03 8.01
N GLU C 191 35.25 38.13 6.71
CA GLU C 191 34.26 37.21 6.13
C GLU C 191 34.74 35.76 6.19
N ASP C 192 36.03 35.53 5.94
CA ASP C 192 36.55 34.17 5.76
C ASP C 192 36.90 33.45 7.06
N ALA C 193 36.74 34.09 8.21
CA ALA C 193 37.12 33.49 9.49
C ALA C 193 36.25 32.29 9.83
N THR C 194 36.80 31.38 10.66
CA THR C 194 36.00 30.22 11.07
C THR C 194 34.88 30.64 12.01
N LEU C 195 35.16 31.53 12.96
CA LEU C 195 34.08 32.01 13.83
C LEU C 195 32.99 32.73 13.05
N THR C 196 33.35 33.43 11.96
CA THR C 196 32.33 34.14 11.20
C THR C 196 31.47 33.16 10.41
N GLN C 197 32.10 32.22 9.72
CA GLN C 197 31.38 31.20 8.96
C GLN C 197 30.40 30.43 9.85
N LEU C 198 30.83 30.03 11.04
CA LEU C 198 29.95 29.27 11.93
C LEU C 198 28.74 30.10 12.32
N ALA C 199 28.95 31.36 12.73
CA ALA C 199 27.84 32.22 13.09
C ALA C 199 26.89 32.43 11.91
N THR C 200 27.44 32.56 10.69
CA THR C 200 26.61 32.63 9.50
C THR C 200 25.72 31.42 9.36
N ALA C 201 26.26 30.23 9.66
CA ALA C 201 25.46 29.01 9.56
C ALA C 201 24.35 28.95 10.60
N TRP C 202 24.64 29.29 11.86
CA TRP C 202 23.61 29.26 12.90
C TRP C 202 22.49 30.25 12.59
N VAL C 203 22.86 31.44 12.11
CA VAL C 203 21.88 32.43 11.75
C VAL C 203 21.08 31.98 10.53
N SER C 204 21.71 31.25 9.60
CA SER C 204 20.96 30.74 8.45
C SER C 204 19.93 29.70 8.88
N LEU C 205 20.34 28.77 9.76
CA LEU C 205 19.44 27.72 10.26
C LEU C 205 18.20 28.31 10.95
N ALA C 206 18.30 29.52 11.49
CA ALA C 206 17.19 30.19 12.14
C ALA C 206 16.37 31.04 11.18
N THR C 207 16.90 31.32 9.99
CA THR C 207 16.22 32.09 8.94
C THR C 207 15.39 31.19 8.03
N GLY C 208 15.86 29.99 7.75
CA GLY C 208 15.05 29.06 7.00
C GLY C 208 14.98 29.43 5.54
N GLY C 209 14.11 28.72 4.83
CA GLY C 209 13.94 28.97 3.41
C GLY C 209 15.19 28.63 2.63
N GLU C 210 15.50 29.49 1.65
CA GLU C 210 16.65 29.28 0.79
C GLU C 210 17.96 29.25 1.57
N LYS C 211 17.98 29.79 2.78
CA LYS C 211 19.22 29.87 3.54
C LYS C 211 19.63 28.56 4.22
N LEU C 212 18.71 27.59 4.36
CA LEU C 212 19.07 26.31 4.95
C LEU C 212 20.16 25.61 4.16
N GLN C 213 20.09 25.72 2.82
CA GLN C 213 21.13 25.15 1.97
C GLN C 213 22.44 25.90 2.13
N ASP C 214 22.40 27.20 2.42
CA ASP C 214 23.64 27.89 2.76
C ASP C 214 24.33 27.20 3.93
N ALA C 215 23.59 27.02 5.02
CA ALA C 215 24.15 26.39 6.22
C ALA C 215 24.70 25.00 5.92
N TYR C 216 23.94 24.18 5.19
CA TYR C 216 24.43 22.85 4.83
C TYR C 216 25.81 22.92 4.22
N TYR C 217 26.02 23.82 3.27
CA TYR C 217 27.30 23.86 2.58
C TYR C 217 28.42 24.43 3.44
N ILE C 218 28.11 25.26 4.45
CA ILE C 218 29.14 25.71 5.38
C ILE C 218 29.60 24.55 6.26
N PHE C 219 28.64 23.82 6.83
CA PHE C 219 28.96 22.66 7.63
C PHE C 219 29.67 21.59 6.80
N GLN C 220 29.21 21.35 5.57
CA GLN C 220 29.88 20.38 4.72
C GLN C 220 31.32 20.80 4.44
N GLU C 221 31.54 22.05 4.07
CA GLU C 221 32.87 22.45 3.62
C GLU C 221 33.90 22.34 4.74
N MET C 222 33.50 22.59 5.98
CA MET C 222 34.48 22.52 7.06
C MET C 222 34.83 21.07 7.42
N ALA C 223 33.88 20.16 7.21
CA ALA C 223 34.12 18.73 7.43
C ALA C 223 35.16 18.18 6.47
N ASP C 224 35.14 18.61 5.20
CA ASP C 224 36.02 18.08 4.18
C ASP C 224 37.28 18.93 3.95
N LYS C 225 37.47 20.01 4.72
CA LYS C 225 38.79 20.62 4.84
C LYS C 225 39.54 20.04 6.02
N CYS C 226 38.81 19.72 7.09
CA CYS C 226 39.41 19.35 8.37
C CYS C 226 39.15 17.88 8.73
N SER C 227 37.99 17.60 9.32
CA SER C 227 37.61 16.30 9.86
C SER C 227 36.14 16.34 10.25
N PRO C 228 35.38 15.29 9.98
CA PRO C 228 33.93 15.39 10.16
C PRO C 228 33.51 15.09 11.59
N THR C 229 33.53 16.11 12.46
CA THR C 229 33.34 15.95 13.90
C THR C 229 31.88 15.65 14.25
N LEU C 230 31.67 15.32 15.53
CA LEU C 230 30.32 15.13 16.03
C LEU C 230 29.50 16.40 15.88
N LEU C 231 30.14 17.56 16.04
CA LEU C 231 29.44 18.83 15.97
C LEU C 231 29.03 19.14 14.53
N LEU C 232 29.96 18.95 13.59
CA LEU C 232 29.67 19.22 12.19
C LEU C 232 28.68 18.22 11.61
N LEU C 233 28.81 16.95 12.01
CA LEU C 233 27.90 15.93 11.51
C LEU C 233 26.45 16.26 11.86
N ASN C 234 26.18 16.56 13.13
CA ASN C 234 24.81 16.92 13.50
C ASN C 234 24.46 18.29 12.96
N GLY C 235 25.43 19.18 12.86
CA GLY C 235 25.20 20.43 12.17
C GLY C 235 24.59 20.18 10.80
N GLN C 236 25.25 19.38 9.95
CA GLN C 236 24.69 19.06 8.64
C GLN C 236 23.33 18.40 8.79
N ALA C 237 23.24 17.39 9.64
CA ALA C 237 21.98 16.67 9.78
C ALA C 237 20.84 17.61 10.12
N ALA C 238 21.11 18.67 10.89
CA ALA C 238 20.05 19.61 11.20
C ALA C 238 19.55 20.33 9.95
N CYS C 239 20.45 20.57 8.97
CA CYS C 239 20.11 21.27 7.73
C CYS C 239 19.32 20.37 6.77
N HIS C 240 19.69 19.09 6.65
CA HIS C 240 18.84 18.18 5.90
C HIS C 240 17.45 18.13 6.51
N MET C 241 17.39 18.00 7.84
CA MET C 241 16.10 17.85 8.51
C MET C 241 15.26 19.13 8.48
N ALA C 242 15.88 20.31 8.39
CA ALA C 242 15.07 21.53 8.33
C ALA C 242 14.32 21.61 7.01
N GLN C 243 14.97 21.16 5.93
CA GLN C 243 14.32 20.85 4.68
C GLN C 243 13.68 19.47 4.86
N GLY C 244 13.08 18.91 3.83
CA GLY C 244 12.42 17.65 4.14
C GLY C 244 13.26 16.39 4.06
N ARG C 245 14.58 16.49 4.07
CA ARG C 245 15.43 15.40 3.59
C ARG C 245 15.81 14.45 4.73
N TRP C 246 14.82 13.67 5.17
CA TRP C 246 15.07 12.78 6.30
C TRP C 246 16.02 11.67 5.92
N GLU C 247 15.79 11.02 4.77
CA GLU C 247 16.64 9.90 4.38
C GLU C 247 18.08 10.35 4.19
N ALA C 248 18.28 11.55 3.65
CA ALA C 248 19.64 12.06 3.49
C ALA C 248 20.32 12.33 4.83
N ALA C 249 19.56 12.51 5.90
CA ALA C 249 20.17 12.76 7.20
C ALA C 249 20.58 11.48 7.93
N GLU C 250 20.07 10.31 7.53
CA GLU C 250 20.33 9.10 8.31
C GLU C 250 21.80 8.73 8.30
N GLY C 251 22.47 8.88 7.17
CA GLY C 251 23.88 8.53 7.12
C GLY C 251 24.71 9.34 8.10
N LEU C 252 24.49 10.66 8.15
CA LEU C 252 25.30 11.49 9.02
C LEU C 252 25.12 11.09 10.48
N LEU C 253 23.86 10.99 10.93
CA LEU C 253 23.62 10.59 12.32
C LEU C 253 24.15 9.19 12.62
N GLN C 254 24.13 8.27 11.63
CA GLN C 254 24.73 6.95 11.86
C GLN C 254 26.24 7.08 12.04
N GLU C 255 26.90 7.89 11.21
CA GLU C 255 28.33 8.11 11.36
C GLU C 255 28.65 8.73 12.72
N ALA C 256 27.81 9.66 13.18
CA ALA C 256 28.06 10.29 14.47
C ALA C 256 27.91 9.28 15.60
N LEU C 257 27.00 8.33 15.45
CA LEU C 257 26.80 7.32 16.48
C LEU C 257 28.00 6.40 16.57
N ASP C 258 28.57 6.02 15.42
CA ASP C 258 29.73 5.12 15.44
C ASP C 258 30.93 5.78 16.11
N LYS C 259 31.11 7.10 15.93
CA LYS C 259 32.23 7.80 16.58
C LYS C 259 32.03 7.87 18.09
N ASP C 260 30.80 8.04 18.54
CA ASP C 260 30.55 8.31 19.95
C ASP C 260 29.11 7.97 20.26
N SER C 261 28.93 6.86 20.95
CA SER C 261 27.64 6.31 21.33
C SER C 261 26.90 7.19 22.30
N GLY C 262 27.56 8.21 22.85
CA GLY C 262 27.03 8.98 23.97
C GLY C 262 26.83 10.47 23.78
N TYR C 263 27.17 10.99 22.60
CA TYR C 263 26.94 12.40 22.29
C TYR C 263 25.44 12.64 22.23
N PRO C 264 24.88 13.51 23.07
CA PRO C 264 23.40 13.59 23.15
C PRO C 264 22.75 14.11 21.89
N GLU C 265 23.37 15.08 21.22
CA GLU C 265 22.72 15.69 20.07
C GLU C 265 22.38 14.64 19.01
N THR C 266 23.25 13.66 18.79
CA THR C 266 22.91 12.57 17.86
C THR C 266 21.64 11.86 18.31
N LEU C 267 21.57 11.51 19.60
CA LEU C 267 20.43 10.76 20.13
C LEU C 267 19.12 11.55 19.97
N VAL C 268 19.13 12.85 20.32
CA VAL C 268 17.90 13.62 20.13
C VAL C 268 17.50 13.64 18.67
N ASN C 269 18.46 13.97 17.80
CA ASN C 269 18.15 14.02 16.38
C ASN C 269 17.65 12.68 15.87
N LEU C 270 18.18 11.56 16.40
CA LEU C 270 17.73 10.25 15.96
C LEU C 270 16.28 9.97 16.36
N ILE C 271 15.84 10.50 17.49
CA ILE C 271 14.42 10.42 17.83
C ILE C 271 13.58 11.09 16.74
N VAL C 272 13.99 12.28 16.30
CA VAL C 272 13.24 12.97 15.25
C VAL C 272 13.28 12.18 13.95
N LEU C 273 14.49 11.80 13.52
CA LEU C 273 14.64 11.09 12.26
C LEU C 273 13.84 9.78 12.23
N SER C 274 13.92 9.01 13.33
CA SER C 274 13.22 7.73 13.41
C SER C 274 11.74 7.87 13.12
N GLN C 275 11.09 8.83 13.76
CA GLN C 275 9.65 8.95 13.56
C GLN C 275 9.32 9.43 12.15
N HIS C 276 10.13 10.34 11.59
CA HIS C 276 9.87 10.85 10.24
C HIS C 276 10.16 9.82 9.15
N LEU C 277 10.80 8.69 9.50
CA LEU C 277 11.04 7.57 8.60
C LEU C 277 10.10 6.40 8.89
N GLY C 278 9.09 6.59 9.73
CA GLY C 278 8.08 5.56 9.94
C GLY C 278 8.54 4.40 10.79
N LYS C 279 9.51 4.60 11.66
CA LYS C 279 10.00 3.51 12.46
C LYS C 279 9.12 3.31 13.70
N PRO C 280 9.18 2.12 14.31
CA PRO C 280 8.24 1.80 15.39
C PRO C 280 8.52 2.62 16.63
N PRO C 281 7.51 2.86 17.47
CA PRO C 281 7.74 3.60 18.72
C PRO C 281 8.74 2.93 19.66
N GLU C 282 9.05 1.65 19.48
CA GLU C 282 10.05 1.05 20.35
C GLU C 282 11.44 1.62 20.07
N VAL C 283 11.62 2.29 18.92
CA VAL C 283 12.90 2.90 18.58
C VAL C 283 13.06 4.24 19.29
N THR C 284 12.02 5.08 19.22
CA THR C 284 12.00 6.30 20.02
C THR C 284 12.27 6.01 21.50
N ASN C 285 11.76 4.89 22.00
CA ASN C 285 11.98 4.53 23.39
C ASN C 285 13.42 4.18 23.65
N ARG C 286 14.10 3.56 22.66
CA ARG C 286 15.49 3.18 22.87
C ARG C 286 16.36 4.41 23.05
N TYR C 287 16.25 5.36 22.13
CA TYR C 287 17.06 6.58 22.21
C TYR C 287 16.72 7.36 23.46
N LEU C 288 15.48 7.29 23.92
CA LEU C 288 15.10 7.96 25.17
C LEU C 288 15.79 7.31 26.36
N SER C 289 15.81 5.97 26.41
CA SER C 289 16.53 5.29 27.48
C SER C 289 18.03 5.50 27.36
N GLN C 290 18.52 5.54 26.12
CA GLN C 290 19.94 5.78 25.91
C GLN C 290 20.33 7.18 26.34
N LEU C 291 19.38 8.13 26.29
CA LEU C 291 19.72 9.50 26.63
C LEU C 291 19.89 9.70 28.14
N LYS C 292 19.28 8.85 28.95
CA LYS C 292 19.43 8.98 30.40
C LYS C 292 20.84 8.61 30.87
N ASP C 293 21.59 7.87 30.05
CA ASP C 293 22.98 7.52 30.35
C ASP C 293 23.95 8.34 29.51
N ALA C 294 23.45 9.28 28.72
CA ALA C 294 24.33 10.25 28.09
C ALA C 294 25.01 11.04 29.20
N HIS C 295 26.23 10.69 29.55
CA HIS C 295 26.93 11.32 30.67
C HIS C 295 27.38 12.73 30.32
N ARG C 296 26.69 13.37 29.37
CA ARG C 296 26.82 14.77 29.05
C ARG C 296 25.50 15.49 29.17
N SER C 297 25.54 16.71 29.73
CA SER C 297 24.37 17.43 30.24
C SER C 297 23.73 18.31 29.15
N HIS C 298 22.89 17.68 28.32
CA HIS C 298 21.98 18.31 27.35
C HIS C 298 20.61 18.51 27.99
N PRO C 299 19.99 19.69 27.81
CA PRO C 299 18.75 19.99 28.55
C PRO C 299 17.56 19.08 28.26
N PHE C 300 17.66 18.20 27.27
CA PHE C 300 16.46 17.57 26.70
C PHE C 300 15.74 16.68 27.68
N ILE C 301 16.47 15.85 28.45
CA ILE C 301 15.81 14.90 29.35
C ILE C 301 15.06 15.64 30.45
N LYS C 302 15.62 16.75 30.95
CA LYS C 302 14.95 17.53 31.97
C LYS C 302 13.67 18.15 31.42
N GLU C 303 13.72 18.73 30.22
CA GLU C 303 12.51 19.26 29.57
C GLU C 303 11.47 18.18 29.34
N TYR C 304 11.92 16.97 28.99
CA TYR C 304 11.00 15.86 28.82
C TYR C 304 10.29 15.54 30.13
N GLN C 305 11.05 15.44 31.23
CA GLN C 305 10.42 15.13 32.52
C GLN C 305 9.51 16.26 32.97
N ALA C 306 9.89 17.51 32.70
CA ALA C 306 8.98 18.61 32.96
C ALA C 306 7.70 18.45 32.14
N LYS C 307 7.82 18.06 30.87
CA LYS C 307 6.61 17.84 30.08
C LYS C 307 5.85 16.61 30.54
N GLU C 308 6.54 15.61 31.13
CA GLU C 308 5.84 14.52 31.82
C GLU C 308 5.01 15.06 32.98
N ASN C 309 5.55 16.00 33.75
CA ASN C 309 4.81 16.56 34.87
C ASN C 309 3.66 17.42 34.38
N ASP C 310 3.87 18.21 33.32
CA ASP C 310 2.77 19.02 32.80
C ASP C 310 1.59 18.15 32.43
N PHE C 311 1.85 16.98 31.85
CA PHE C 311 0.77 16.14 31.39
C PHE C 311 0.04 15.48 32.56
N ASP C 312 0.80 14.86 33.48
CA ASP C 312 0.18 14.31 34.68
C ASP C 312 -0.73 15.34 35.34
N ARG C 313 -0.28 16.60 35.39
CA ARG C 313 -1.04 17.65 36.07
C ARG C 313 -2.30 17.99 35.29
N LEU C 314 -2.19 18.10 33.97
CA LEU C 314 -3.36 18.46 33.17
C LEU C 314 -4.41 17.36 33.12
N VAL C 315 -4.00 16.09 33.25
CA VAL C 315 -5.00 15.03 33.27
C VAL C 315 -5.93 15.22 34.47
N LEU C 316 -5.35 15.49 35.64
CA LEU C 316 -6.16 15.71 36.83
C LEU C 316 -6.90 17.03 36.77
N GLN C 317 -6.48 17.96 35.92
CA GLN C 317 -7.19 19.21 35.76
C GLN C 317 -8.45 19.04 34.91
N TYR C 318 -8.47 18.07 33.98
CA TYR C 318 -9.65 17.72 33.19
C TYR C 318 -10.52 16.66 33.86
N ALA C 319 -10.08 16.05 34.97
CA ALA C 319 -10.86 15.01 35.62
C ALA C 319 -10.36 14.87 37.05
N PRO C 320 -11.24 14.67 38.05
CA PRO C 320 -10.82 14.62 39.46
C PRO C 320 -9.93 13.41 39.77
N PHE D 39 24.27 48.76 27.54
CA PHE D 39 24.14 48.55 28.97
C PHE D 39 22.81 47.85 29.34
N VAL D 40 21.90 47.71 28.37
CA VAL D 40 20.58 47.15 28.61
C VAL D 40 20.41 45.82 27.88
N PRO D 41 20.15 44.72 28.59
CA PRO D 41 19.86 43.44 27.93
C PRO D 41 18.55 43.45 27.16
N PRO D 42 18.49 42.77 26.02
CA PRO D 42 17.23 42.68 25.27
C PRO D 42 16.25 41.70 25.88
N THR D 43 15.00 41.81 25.44
CA THR D 43 13.91 40.94 25.86
C THR D 43 13.68 39.87 24.80
N LYS D 44 13.17 38.71 25.24
CA LYS D 44 12.97 37.57 24.34
C LYS D 44 11.95 37.89 23.24
N GLY D 45 12.23 37.41 22.04
CA GLY D 45 11.24 37.38 20.99
C GLY D 45 10.36 36.14 21.09
N THR D 46 9.32 36.12 20.26
CA THR D 46 8.42 34.97 20.22
C THR D 46 9.19 33.71 19.81
N SER D 47 8.87 32.54 20.50
CA SER D 47 9.58 31.32 20.10
C SER D 47 8.88 30.65 18.91
N PRO D 48 9.61 29.90 18.07
CA PRO D 48 8.94 29.29 16.93
C PRO D 48 7.87 28.29 17.33
N THR D 49 7.93 27.70 18.53
CA THR D 49 6.84 26.82 18.97
C THR D 49 5.59 27.61 19.24
N GLN D 50 5.72 28.84 19.74
CA GLN D 50 4.55 29.69 19.87
C GLN D 50 4.02 30.08 18.50
N ILE D 51 4.93 30.34 17.54
CA ILE D 51 4.51 30.62 16.17
C ILE D 51 3.69 29.46 15.63
N TRP D 52 4.13 28.23 15.89
CA TRP D 52 3.36 27.07 15.46
C TRP D 52 1.92 27.13 15.95
N CYS D 53 1.74 27.33 17.25
CA CYS D 53 0.40 27.33 17.82
C CYS D 53 -0.45 28.44 17.23
N ASN D 54 0.16 29.62 17.00
CA ASN D 54 -0.57 30.76 16.45
C ASN D 54 -1.14 30.43 15.07
N ASN D 55 -0.39 29.68 14.26
CA ASN D 55 -0.74 29.43 12.86
C ASN D 55 -1.52 28.15 12.64
N SER D 56 -1.87 27.41 13.69
CA SER D 56 -2.43 26.08 13.49
C SER D 56 -3.58 25.81 14.45
N GLN D 57 -4.56 25.06 13.95
CA GLN D 57 -5.67 24.61 14.77
C GLN D 57 -5.73 23.09 14.91
N LEU D 58 -4.67 22.35 14.49
CA LEU D 58 -4.58 20.89 14.53
C LEU D 58 -3.88 20.43 15.80
N PRO D 59 -4.39 19.39 16.49
CA PRO D 59 -3.78 18.99 17.77
C PRO D 59 -2.30 18.63 17.67
N VAL D 60 -1.89 17.86 16.66
CA VAL D 60 -0.50 17.40 16.62
C VAL D 60 0.46 18.56 16.58
N ASP D 61 0.05 19.68 15.98
CA ASP D 61 0.95 20.82 15.86
C ASP D 61 1.19 21.46 17.22
N HIS D 62 0.14 21.56 18.05
CA HIS D 62 0.35 22.09 19.40
C HIS D 62 1.15 21.12 20.27
N ILE D 63 1.03 19.81 20.03
CA ILE D 63 1.80 18.83 20.80
C ILE D 63 3.27 18.92 20.45
N LEU D 64 3.59 18.96 19.15
CA LEU D 64 4.96 19.19 18.72
C LEU D 64 5.53 20.47 19.32
N ALA D 65 4.69 21.48 19.56
CA ALA D 65 5.14 22.73 20.14
C ALA D 65 5.40 22.64 21.63
N GLY D 66 5.01 21.53 22.26
CA GLY D 66 5.09 21.44 23.69
C GLY D 66 3.95 22.10 24.41
N SER D 67 2.96 22.60 23.66
CA SER D 67 1.81 23.26 24.25
C SER D 67 0.75 22.20 24.53
N PHE D 68 0.88 21.56 25.69
CA PHE D 68 -0.03 20.47 26.02
C PHE D 68 -1.42 20.98 26.40
N GLU D 69 -1.50 22.13 27.06
CA GLU D 69 -2.82 22.64 27.44
C GLU D 69 -3.66 22.99 26.21
N THR D 70 -3.06 23.68 25.25
CA THR D 70 -3.83 24.06 24.06
C THR D 70 -4.21 22.87 23.19
N ALA D 71 -3.35 21.85 23.12
CA ALA D 71 -3.69 20.64 22.38
C ALA D 71 -4.85 19.89 23.01
N MET D 72 -4.85 19.76 24.35
CA MET D 72 -5.96 19.11 25.02
C MET D 72 -7.27 19.86 24.80
N ARG D 73 -7.22 21.20 24.82
CA ARG D 73 -8.42 22.00 24.54
C ARG D 73 -8.94 21.72 23.14
N LEU D 74 -8.05 21.67 22.15
CA LEU D 74 -8.48 21.39 20.78
C LEU D 74 -9.13 20.03 20.69
N LEU D 75 -8.51 19.01 21.30
CA LEU D 75 -9.08 17.67 21.28
C LEU D 75 -10.41 17.62 22.03
N HIS D 76 -10.55 18.38 23.13
CA HIS D 76 -11.81 18.41 23.87
C HIS D 76 -12.92 19.04 23.04
N ASP D 77 -12.65 20.20 22.43
CA ASP D 77 -13.67 20.86 21.62
C ASP D 77 -13.95 20.09 20.31
N GLN D 78 -12.96 19.40 19.75
CA GLN D 78 -13.13 18.83 18.42
C GLN D 78 -13.64 17.40 18.42
N VAL D 79 -13.33 16.61 19.45
CA VAL D 79 -13.51 15.16 19.34
C VAL D 79 -13.97 14.58 20.68
N GLY D 80 -13.90 15.36 21.75
CA GLY D 80 -14.62 15.04 22.95
C GLY D 80 -13.82 14.36 24.04
N VAL D 81 -12.54 14.66 24.15
CA VAL D 81 -11.69 13.98 25.11
C VAL D 81 -11.82 14.66 26.47
N ILE D 82 -11.91 13.85 27.53
CA ILE D 82 -11.86 14.33 28.91
C ILE D 82 -10.86 13.52 29.75
N GLN D 83 -10.78 12.21 29.52
CA GLN D 83 -9.83 11.38 30.26
C GLN D 83 -8.59 11.25 29.42
N PHE D 84 -7.60 12.10 29.69
CA PHE D 84 -6.39 12.18 28.88
C PHE D 84 -5.28 11.26 29.34
N GLY D 85 -5.45 10.56 30.45
CA GLY D 85 -4.42 9.68 30.94
C GLY D 85 -3.90 8.76 29.85
N PRO D 86 -4.80 8.04 29.17
CA PRO D 86 -4.37 7.14 28.09
C PRO D 86 -3.76 7.82 26.87
N TYR D 87 -3.60 9.14 26.87
CA TYR D 87 -2.89 9.81 25.79
C TYR D 87 -1.43 10.08 26.11
N LYS D 88 -0.96 9.71 27.31
CA LYS D 88 0.35 10.17 27.75
C LYS D 88 1.43 9.70 26.79
N GLN D 89 1.35 8.44 26.35
CA GLN D 89 2.38 7.92 25.46
C GLN D 89 2.45 8.71 24.15
N LEU D 90 1.32 8.78 23.41
CA LEU D 90 1.33 9.51 22.14
C LEU D 90 1.79 10.96 22.34
N PHE D 91 1.33 11.62 23.41
CA PHE D 91 1.69 13.01 23.63
C PHE D 91 3.20 13.19 23.76
N LEU D 92 3.82 12.44 24.68
CA LEU D 92 5.25 12.61 24.94
C LEU D 92 6.11 12.17 23.75
N GLN D 93 5.76 11.07 23.08
CA GLN D 93 6.57 10.66 21.95
C GLN D 93 6.52 11.69 20.84
N THR D 94 5.35 12.31 20.63
CA THR D 94 5.22 13.37 19.64
C THR D 94 6.07 14.58 20.01
N TYR D 95 5.98 15.02 21.26
CA TYR D 95 6.79 16.14 21.73
C TYR D 95 8.26 15.93 21.41
N ALA D 96 8.73 14.68 21.43
CA ALA D 96 10.13 14.38 21.22
C ALA D 96 10.56 14.47 19.77
N ARG D 97 9.65 14.36 18.81
CA ARG D 97 10.03 14.49 17.41
C ARG D 97 9.91 15.93 16.91
N GLY D 98 9.65 16.87 17.82
CA GLY D 98 9.30 18.23 17.41
C GLY D 98 10.48 19.13 17.09
N ARG D 99 11.62 18.93 17.77
CA ARG D 99 12.76 19.82 17.65
C ARG D 99 14.04 19.03 17.40
N THR D 100 14.85 19.55 16.46
CA THR D 100 16.20 19.07 16.23
C THR D 100 17.17 19.82 17.12
N THR D 101 18.41 19.34 17.19
CA THR D 101 19.37 20.04 18.00
C THR D 101 20.76 19.90 17.39
N TYR D 102 21.56 20.96 17.56
CA TYR D 102 22.92 21.03 17.05
C TYR D 102 23.72 21.94 17.98
N GLN D 103 24.99 21.61 18.15
CA GLN D 103 25.86 22.35 19.05
C GLN D 103 26.45 23.52 18.27
N ALA D 104 26.40 24.72 18.85
CA ALA D 104 26.98 25.85 18.15
C ALA D 104 28.45 26.02 18.56
N LEU D 105 28.65 26.79 19.61
CA LEU D 105 30.02 26.94 20.11
C LEU D 105 30.29 25.83 21.11
N PRO D 106 31.51 25.30 21.11
CA PRO D 106 31.86 24.27 22.08
C PRO D 106 31.61 24.76 23.49
N CYS D 107 31.15 23.86 24.35
CA CYS D 107 30.91 24.09 25.78
C CYS D 107 29.73 25.01 26.09
N LEU D 108 28.94 25.36 25.12
CA LEU D 108 27.77 26.11 25.50
C LEU D 108 26.51 25.31 25.23
N PRO D 109 25.48 25.50 26.05
CA PRO D 109 24.19 24.81 25.83
C PRO D 109 23.75 24.83 24.37
N SER D 110 23.33 23.66 23.89
CA SER D 110 23.13 23.45 22.47
C SER D 110 21.96 24.27 21.95
N MET D 111 21.85 24.33 20.63
CA MET D 111 20.74 24.99 19.97
C MET D 111 19.65 23.97 19.66
N TYR D 112 18.44 24.48 19.38
CA TYR D 112 17.33 23.66 18.88
C TYR D 112 16.92 24.13 17.50
N GLY D 113 16.49 23.19 16.67
CA GLY D 113 15.95 23.50 15.36
C GLY D 113 14.49 23.10 15.30
N TYR D 114 13.71 23.85 14.53
CA TYR D 114 12.26 23.69 14.51
C TYR D 114 11.79 23.40 13.10
N PRO D 115 11.95 22.17 12.62
CA PRO D 115 11.60 21.87 11.22
C PRO D 115 10.13 22.13 10.94
N ASN D 116 9.90 22.97 9.95
CA ASN D 116 8.58 23.35 9.47
C ASN D 116 8.21 22.51 8.25
N ARG D 117 6.90 22.27 8.09
CA ARG D 117 6.44 21.53 6.92
C ARG D 117 6.39 22.41 5.68
N ASN D 118 6.10 23.69 5.86
CA ASN D 118 6.14 24.71 4.81
C ASN D 118 7.46 25.44 4.83
N TRP D 119 8.55 24.67 4.92
CA TRP D 119 9.86 25.26 5.20
C TRP D 119 10.30 26.18 4.08
N LYS D 120 9.84 25.96 2.85
CA LYS D 120 10.26 26.80 1.73
C LYS D 120 9.87 28.27 1.92
N ASP D 121 8.70 28.53 2.52
CA ASP D 121 8.19 29.91 2.58
C ASP D 121 7.61 30.25 3.95
N ALA D 122 8.18 29.72 5.03
CA ALA D 122 7.60 29.94 6.35
C ALA D 122 7.94 31.34 6.87
N GLY D 123 9.19 31.78 6.69
CA GLY D 123 9.53 33.07 7.24
C GLY D 123 9.52 33.01 8.75
N LEU D 124 9.51 34.20 9.36
CA LEU D 124 9.44 34.28 10.82
C LEU D 124 8.03 33.96 11.31
N LYS D 125 7.03 34.39 10.57
CA LYS D 125 5.68 34.52 11.10
C LYS D 125 4.77 33.37 10.70
N ASN D 126 5.12 32.57 9.70
CA ASN D 126 4.17 31.66 9.08
C ASN D 126 4.46 30.18 9.26
N GLY D 127 5.47 29.79 10.01
CA GLY D 127 5.85 28.39 10.07
C GLY D 127 4.78 27.51 10.70
N VAL D 128 4.86 26.23 10.37
CA VAL D 128 3.91 25.25 10.91
C VAL D 128 4.60 23.88 10.82
N PRO D 129 4.63 23.07 11.89
CA PRO D 129 5.69 22.06 12.03
C PRO D 129 5.54 20.90 11.06
N ALA D 130 6.69 20.27 10.75
CA ALA D 130 6.74 19.16 9.82
C ALA D 130 5.89 17.98 10.30
N VAL D 131 5.46 17.18 9.34
CA VAL D 131 4.55 16.07 9.59
C VAL D 131 5.35 14.80 9.82
N GLY D 132 5.15 14.16 10.99
CA GLY D 132 5.90 12.97 11.36
C GLY D 132 5.11 11.68 11.37
N LEU D 133 3.77 11.76 11.38
CA LEU D 133 2.91 10.59 11.35
C LEU D 133 2.00 10.71 10.14
N LYS D 134 2.16 9.81 9.17
CA LYS D 134 1.38 9.85 7.95
C LYS D 134 0.25 8.84 8.01
N LEU D 135 -0.79 9.11 7.21
CA LEU D 135 -1.96 8.24 7.24
C LEU D 135 -1.62 6.81 6.86
N ASN D 136 -0.63 6.61 5.98
CA ASN D 136 -0.32 5.23 5.61
C ASN D 136 0.43 4.51 6.68
N ASP D 137 1.16 5.23 7.54
CA ASP D 137 1.74 4.59 8.72
C ASP D 137 0.66 3.87 9.51
N LEU D 138 -0.49 4.53 9.72
CA LEU D 138 -1.54 3.91 10.52
C LEU D 138 -2.17 2.74 9.77
N ILE D 139 -2.53 2.95 8.50
CA ILE D 139 -3.13 1.89 7.70
C ILE D 139 -2.24 0.65 7.64
N GLN D 140 -0.92 0.84 7.67
CA GLN D 140 -0.02 -0.30 7.69
C GLN D 140 -0.17 -1.12 8.97
N ARG D 141 -0.34 -0.44 10.12
CA ARG D 141 -0.50 -1.13 11.41
C ARG D 141 -1.79 -1.93 11.48
N LEU D 142 -2.76 -1.64 10.62
CA LEU D 142 -3.97 -2.45 10.57
C LEU D 142 -3.64 -3.92 10.34
N GLN D 143 -2.60 -4.21 9.56
CA GLN D 143 -2.28 -5.60 9.24
C GLN D 143 -1.88 -6.37 10.48
N LEU D 144 -1.01 -5.79 11.32
CA LEU D 144 -0.66 -6.47 12.57
C LEU D 144 -1.88 -6.66 13.46
N CYS D 145 -2.79 -5.67 13.45
CA CYS D 145 -4.04 -5.79 14.19
C CYS D 145 -4.84 -6.98 13.70
N TYR D 146 -4.98 -7.10 12.38
CA TYR D 146 -5.67 -8.25 11.79
C TYR D 146 -4.98 -9.57 12.17
N GLN D 147 -3.65 -9.64 12.03
CA GLN D 147 -2.93 -10.87 12.39
C GLN D 147 -3.23 -11.27 13.82
N LEU D 148 -2.98 -10.36 14.76
CA LEU D 148 -3.28 -10.63 16.16
C LEU D 148 -4.69 -11.17 16.34
N THR D 149 -5.66 -10.62 15.59
CA THR D 149 -7.01 -11.14 15.66
C THR D 149 -7.05 -12.60 15.22
N THR D 150 -6.62 -12.87 13.96
CA THR D 150 -6.76 -14.21 13.39
C THR D 150 -6.20 -15.29 14.30
N VAL D 151 -5.03 -15.05 14.88
CA VAL D 151 -4.46 -16.07 15.76
C VAL D 151 -5.13 -16.09 17.13
N GLY D 152 -5.96 -15.10 17.45
CA GLY D 152 -6.80 -15.15 18.64
C GLY D 152 -6.37 -14.30 19.82
N LYS D 153 -5.36 -13.44 19.68
CA LYS D 153 -4.86 -12.64 20.80
C LYS D 153 -5.65 -11.33 20.91
N PHE D 154 -6.90 -11.47 21.36
CA PHE D 154 -7.83 -10.34 21.34
C PHE D 154 -7.39 -9.19 22.25
N GLU D 155 -6.93 -9.49 23.46
CA GLU D 155 -6.54 -8.39 24.33
C GLU D 155 -5.42 -7.58 23.69
N GLU D 156 -4.48 -8.27 23.03
CA GLU D 156 -3.38 -7.54 22.40
C GLU D 156 -3.81 -6.83 21.14
N ALA D 157 -4.74 -7.40 20.37
CA ALA D 157 -5.23 -6.71 19.17
C ALA D 157 -6.00 -5.44 19.53
N VAL D 158 -6.91 -5.52 20.50
CA VAL D 158 -7.62 -4.33 20.94
C VAL D 158 -6.65 -3.24 21.34
N GLU D 159 -5.61 -3.59 22.11
CA GLU D 159 -4.58 -2.61 22.46
C GLU D 159 -4.00 -1.97 21.21
N LYS D 160 -3.69 -2.78 20.20
CA LYS D 160 -3.09 -2.29 18.97
C LYS D 160 -4.10 -1.50 18.15
N PHE D 161 -5.36 -1.92 18.13
CA PHE D 161 -6.38 -1.17 17.39
C PHE D 161 -6.59 0.21 17.99
N ARG D 162 -6.72 0.28 19.31
CA ARG D 162 -7.00 1.53 20.01
C ARG D 162 -5.86 2.51 19.83
N SER D 163 -4.63 2.01 19.71
CA SER D 163 -3.51 2.91 19.47
C SER D 163 -3.65 3.59 18.11
N ILE D 164 -4.01 2.85 17.07
CA ILE D 164 -4.32 3.45 15.77
C ILE D 164 -5.43 4.49 15.92
N LEU D 165 -6.51 4.12 16.61
CA LEU D 165 -7.66 5.02 16.73
C LEU D 165 -7.25 6.35 17.38
N LEU D 166 -6.56 6.29 18.52
CA LEU D 166 -6.16 7.52 19.18
C LEU D 166 -5.13 8.31 18.38
N SER D 167 -4.46 7.66 17.41
CA SER D 167 -3.48 8.35 16.59
C SER D 167 -4.10 9.15 15.45
N VAL D 168 -5.32 8.80 15.02
CA VAL D 168 -5.93 9.49 13.88
C VAL D 168 -6.02 11.00 14.09
N PRO D 169 -6.52 11.51 15.24
CA PRO D 169 -6.52 12.97 15.43
C PRO D 169 -5.13 13.60 15.55
N LEU D 170 -4.05 12.83 15.49
CA LEU D 170 -2.69 13.39 15.40
C LEU D 170 -2.18 13.49 13.96
N LEU D 171 -3.03 13.26 12.95
CA LEU D 171 -2.64 13.34 11.55
C LEU D 171 -2.62 14.79 11.05
N VAL D 172 -1.85 15.00 9.98
CA VAL D 172 -1.96 16.19 9.14
C VAL D 172 -2.04 15.72 7.70
N VAL D 173 -3.12 16.07 7.02
CA VAL D 173 -3.59 15.34 5.85
C VAL D 173 -4.02 16.36 4.79
N ASP D 174 -3.79 16.05 3.51
CA ASP D 174 -3.83 17.12 2.52
C ASP D 174 -5.24 17.43 2.03
N ASN D 175 -5.95 16.41 1.56
CA ASN D 175 -7.17 16.63 0.77
C ASN D 175 -8.39 15.94 1.39
N LYS D 176 -9.54 16.20 0.78
CA LYS D 176 -10.81 15.69 1.28
C LYS D 176 -10.85 14.17 1.24
N GLN D 177 -10.18 13.56 0.26
CA GLN D 177 -10.25 12.12 0.11
C GLN D 177 -9.42 11.39 1.16
N GLU D 178 -8.36 12.03 1.67
CA GLU D 178 -7.60 11.43 2.78
C GLU D 178 -8.31 11.60 4.12
N ILE D 179 -9.04 12.71 4.30
CA ILE D 179 -9.88 12.85 5.49
C ILE D 179 -10.92 11.74 5.56
N ALA D 180 -11.48 11.36 4.40
CA ALA D 180 -12.42 10.26 4.35
C ALA D 180 -11.79 8.96 4.86
N GLU D 181 -10.59 8.63 4.37
CA GLU D 181 -9.92 7.39 4.75
C GLU D 181 -9.67 7.34 6.25
N ALA D 182 -9.28 8.47 6.84
CA ALA D 182 -9.02 8.50 8.27
C ALA D 182 -10.28 8.21 9.08
N GLN D 183 -11.46 8.63 8.60
CA GLN D 183 -12.69 8.30 9.31
C GLN D 183 -13.04 6.82 9.19
N GLN D 184 -12.88 6.24 7.99
CA GLN D 184 -13.09 4.81 7.84
C GLN D 184 -12.13 4.04 8.73
N LEU D 185 -10.89 4.50 8.81
CA LEU D 185 -9.90 3.85 9.65
C LEU D 185 -10.38 3.78 11.09
N ILE D 186 -10.87 4.88 11.63
CA ILE D 186 -11.41 4.87 12.99
C ILE D 186 -12.52 3.84 13.11
N THR D 187 -13.47 3.90 12.18
CA THR D 187 -14.61 2.99 12.22
C THR D 187 -14.17 1.53 12.18
N ILE D 188 -13.10 1.22 11.46
CA ILE D 188 -12.57 -0.15 11.49
C ILE D 188 -12.11 -0.49 12.90
N CYS D 189 -11.31 0.38 13.50
CA CYS D 189 -10.87 0.14 14.87
C CYS D 189 -12.05 -0.02 15.81
N ARG D 190 -13.10 0.80 15.65
CA ARG D 190 -14.26 0.67 16.51
C ARG D 190 -14.93 -0.69 16.32
N GLU D 191 -15.27 -1.01 15.07
CA GLU D 191 -15.96 -2.26 14.78
C GLU D 191 -15.25 -3.42 15.44
N TYR D 192 -13.93 -3.49 15.26
CA TYR D 192 -13.13 -4.55 15.85
C TYR D 192 -13.12 -4.46 17.36
N ILE D 193 -12.94 -3.26 17.90
CA ILE D 193 -12.81 -3.14 19.35
C ILE D 193 -14.11 -3.53 20.05
N VAL D 194 -15.28 -3.16 19.53
CA VAL D 194 -16.49 -3.61 20.25
C VAL D 194 -16.69 -5.10 20.04
N GLY D 195 -16.47 -5.59 18.82
CA GLY D 195 -16.63 -7.01 18.56
C GLY D 195 -15.76 -7.86 19.45
N LEU D 196 -14.45 -7.59 19.46
CA LEU D 196 -13.55 -8.33 20.32
C LEU D 196 -13.91 -8.13 21.80
N SER D 197 -14.27 -6.91 22.19
CA SER D 197 -14.66 -6.73 23.57
C SER D 197 -15.84 -7.61 23.92
N VAL D 198 -16.77 -7.78 22.98
CA VAL D 198 -17.92 -8.65 23.25
C VAL D 198 -17.46 -10.07 23.56
N GLU D 199 -16.59 -10.63 22.73
CA GLU D 199 -16.23 -12.02 22.93
C GLU D 199 -15.39 -12.20 24.18
N THR D 200 -14.34 -11.39 24.38
CA THR D 200 -13.54 -11.64 25.58
C THR D 200 -14.34 -11.35 26.86
N GLU D 201 -15.34 -10.47 26.80
CA GLU D 201 -16.17 -10.27 27.99
C GLU D 201 -17.08 -11.48 28.21
N ARG D 202 -17.57 -12.09 27.11
CA ARG D 202 -18.38 -13.29 27.18
C ARG D 202 -17.63 -14.41 27.86
N LYS D 203 -16.34 -14.51 27.57
CA LYS D 203 -15.52 -15.57 28.09
C LYS D 203 -15.24 -15.43 29.58
N LYS D 204 -15.48 -14.24 30.16
CA LYS D 204 -15.36 -14.00 31.60
C LYS D 204 -16.56 -14.46 32.41
N LEU D 205 -17.68 -14.77 31.76
CA LEU D 205 -18.99 -15.07 32.34
C LEU D 205 -19.14 -16.55 32.68
N PRO D 206 -19.92 -16.86 33.70
CA PRO D 206 -20.19 -18.27 34.03
C PRO D 206 -21.10 -18.92 33.01
N LYS D 207 -20.94 -20.23 32.86
CA LYS D 207 -21.69 -21.02 31.90
C LYS D 207 -22.47 -22.13 32.59
N GLU D 208 -22.89 -21.89 33.83
CA GLU D 208 -23.60 -22.90 34.63
C GLU D 208 -25.10 -22.92 34.35
N THR D 209 -25.80 -21.81 34.65
CA THR D 209 -27.24 -21.74 34.47
C THR D 209 -27.63 -21.87 33.01
N LEU D 210 -28.86 -22.31 32.76
CA LEU D 210 -29.45 -22.15 31.43
C LEU D 210 -29.52 -20.68 31.07
N GLU D 211 -30.01 -19.85 31.99
CA GLU D 211 -30.08 -18.41 31.73
C GLU D 211 -28.70 -17.85 31.41
N GLN D 212 -27.67 -18.36 32.07
CA GLN D 212 -26.31 -17.94 31.76
C GLN D 212 -25.88 -18.41 30.38
N GLN D 213 -26.28 -19.62 29.99
CA GLN D 213 -25.90 -20.15 28.68
C GLN D 213 -26.60 -19.38 27.57
N LYS D 214 -27.87 -18.99 27.81
CA LYS D 214 -28.62 -18.17 26.86
C LYS D 214 -27.91 -16.83 26.60
N ARG D 215 -27.42 -16.20 27.67
CA ARG D 215 -26.70 -14.93 27.54
C ARG D 215 -25.42 -15.10 26.73
N ILE D 216 -24.75 -16.25 26.88
CA ILE D 216 -23.54 -16.50 26.10
C ILE D 216 -23.90 -16.60 24.62
N CYS D 217 -24.91 -17.41 24.30
CA CYS D 217 -25.33 -17.56 22.91
C CYS D 217 -25.71 -16.21 22.31
N GLU D 218 -26.46 -15.38 23.06
CA GLU D 218 -26.79 -14.03 22.61
C GLU D 218 -25.54 -13.23 22.25
N MET D 219 -24.60 -13.12 23.19
CA MET D 219 -23.39 -12.33 22.94
C MET D 219 -22.63 -12.87 21.74
N ALA D 220 -22.56 -14.19 21.61
CA ALA D 220 -21.93 -14.77 20.43
C ALA D 220 -22.62 -14.33 19.16
N ALA D 221 -23.95 -14.18 19.20
CA ALA D 221 -24.70 -13.76 18.02
C ALA D 221 -24.50 -12.28 17.71
N TYR D 222 -24.53 -11.42 18.73
CA TYR D 222 -24.25 -10.01 18.51
C TYR D 222 -22.93 -9.83 17.75
N PHE D 223 -21.91 -10.60 18.12
CA PHE D 223 -20.61 -10.50 17.48
C PHE D 223 -20.71 -10.74 15.98
N THR D 224 -21.65 -11.58 15.52
CA THR D 224 -21.77 -11.83 14.08
C THR D 224 -22.24 -10.61 13.31
N HIS D 225 -22.84 -9.63 13.97
CA HIS D 225 -23.28 -8.41 13.31
C HIS D 225 -22.24 -7.32 13.36
N SER D 226 -21.04 -7.63 13.86
CA SER D 226 -19.89 -6.76 13.70
C SER D 226 -19.36 -6.89 12.29
N ASN D 227 -18.86 -5.78 11.75
CA ASN D 227 -18.41 -5.67 10.36
C ASN D 227 -16.90 -5.80 10.31
N LEU D 228 -16.43 -7.03 10.20
CA LEU D 228 -15.00 -7.32 10.17
C LEU D 228 -14.62 -7.78 8.75
N GLN D 229 -13.36 -8.13 8.55
CA GLN D 229 -13.18 -8.62 7.20
C GLN D 229 -13.57 -10.09 7.12
N PRO D 230 -14.00 -10.57 5.94
CA PRO D 230 -14.64 -11.89 5.87
C PRO D 230 -13.89 -13.01 6.57
N VAL D 231 -12.56 -13.03 6.50
CA VAL D 231 -11.82 -14.11 7.12
C VAL D 231 -12.05 -14.17 8.62
N HIS D 232 -12.32 -13.03 9.26
CA HIS D 232 -12.57 -13.05 10.69
C HIS D 232 -14.03 -13.36 11.01
N MET D 233 -14.97 -12.86 10.20
CA MET D 233 -16.37 -13.15 10.45
C MET D 233 -16.67 -14.62 10.26
N ILE D 234 -15.84 -15.32 9.48
CA ILE D 234 -15.98 -16.77 9.40
C ILE D 234 -15.69 -17.41 10.74
N LEU D 235 -14.68 -16.91 11.45
CA LEU D 235 -14.38 -17.48 12.76
C LEU D 235 -15.51 -17.21 13.75
N VAL D 236 -16.09 -16.01 13.74
CA VAL D 236 -17.10 -15.74 14.77
C VAL D 236 -18.42 -16.41 14.41
N LEU D 237 -18.70 -16.64 13.13
CA LEU D 237 -19.88 -17.43 12.78
C LEU D 237 -19.71 -18.90 13.19
N ARG D 238 -18.51 -19.46 13.03
CA ARG D 238 -18.25 -20.80 13.56
C ARG D 238 -18.56 -20.86 15.06
N THR D 239 -18.14 -19.83 15.80
CA THR D 239 -18.39 -19.80 17.24
C THR D 239 -19.89 -19.75 17.53
N ALA D 240 -20.60 -18.84 16.87
CA ALA D 240 -22.04 -18.75 17.13
C ALA D 240 -22.76 -20.02 16.71
N LEU D 241 -22.30 -20.67 15.66
CA LEU D 241 -22.95 -21.88 15.17
C LEU D 241 -22.84 -23.01 16.19
N ASN D 242 -21.64 -23.22 16.74
CA ASN D 242 -21.44 -24.27 17.74
C ASN D 242 -22.30 -24.01 18.97
N LEU D 243 -22.28 -22.77 19.49
CA LEU D 243 -23.01 -22.51 20.73
C LEU D 243 -24.50 -22.68 20.53
N PHE D 244 -25.03 -22.26 19.38
CA PHE D 244 -26.45 -22.41 19.12
C PHE D 244 -26.81 -23.86 18.86
N PHE D 245 -25.88 -24.63 18.28
CA PHE D 245 -26.17 -26.04 18.10
C PHE D 245 -26.22 -26.76 19.44
N LYS D 246 -25.29 -26.44 20.36
CA LYS D 246 -25.33 -27.08 21.67
C LYS D 246 -26.57 -26.67 22.43
N LEU D 247 -27.00 -25.41 22.31
CA LEU D 247 -28.19 -24.96 23.01
C LEU D 247 -29.46 -25.62 22.49
N LYS D 248 -29.43 -26.17 21.27
CA LYS D 248 -30.58 -26.72 20.56
C LYS D 248 -31.51 -25.62 20.05
N ASN D 249 -30.90 -24.52 19.61
CA ASN D 249 -31.56 -23.54 18.77
C ASN D 249 -31.16 -23.81 17.32
N PHE D 250 -31.71 -24.89 16.77
CA PHE D 250 -31.25 -25.37 15.48
C PHE D 250 -31.71 -24.48 14.33
N LYS D 251 -32.85 -23.80 14.48
CA LYS D 251 -33.34 -22.94 13.41
C LYS D 251 -32.45 -21.71 13.24
N THR D 252 -32.11 -21.05 14.35
CA THR D 252 -31.20 -19.92 14.26
C THR D 252 -29.79 -20.41 13.91
N ALA D 253 -29.39 -21.55 14.46
CA ALA D 253 -28.06 -22.10 14.15
C ALA D 253 -27.89 -22.33 12.65
N ALA D 254 -28.94 -22.80 11.97
CA ALA D 254 -28.81 -23.07 10.55
C ALA D 254 -28.48 -21.81 9.76
N THR D 255 -29.01 -20.65 10.17
CA THR D 255 -28.75 -19.44 9.39
C THR D 255 -27.33 -18.93 9.60
N PHE D 256 -26.76 -19.10 10.80
CA PHE D 256 -25.33 -18.89 10.97
C PHE D 256 -24.54 -19.78 10.02
N ALA D 257 -24.97 -21.05 9.87
CA ALA D 257 -24.29 -21.97 8.97
C ALA D 257 -24.43 -21.56 7.50
N ARG D 258 -25.63 -21.15 7.08
CA ARG D 258 -25.79 -20.70 5.69
C ARG D 258 -24.96 -19.44 5.43
N ARG D 259 -24.85 -18.58 6.44
CA ARG D 259 -24.11 -17.33 6.30
C ARG D 259 -22.60 -17.56 6.27
N LEU D 260 -22.13 -18.50 7.10
CA LEU D 260 -20.72 -18.90 7.07
C LEU D 260 -20.32 -19.47 5.73
N LEU D 261 -21.15 -20.35 5.17
CA LEU D 261 -20.84 -21.03 3.92
C LEU D 261 -20.66 -20.05 2.78
N GLU D 262 -21.42 -18.95 2.81
CA GLU D 262 -21.35 -17.93 1.78
C GLU D 262 -20.09 -17.08 1.84
N LEU D 263 -19.45 -16.94 3.00
CA LEU D 263 -18.21 -16.18 3.02
C LEU D 263 -17.07 -16.90 2.34
N GLY D 264 -17.23 -18.20 2.10
CA GLY D 264 -16.26 -18.96 1.36
C GLY D 264 -15.12 -19.46 2.21
N PRO D 265 -15.43 -20.30 3.21
CA PRO D 265 -14.39 -20.85 4.09
C PRO D 265 -13.57 -21.89 3.36
N LYS D 266 -12.48 -22.30 4.00
CA LYS D 266 -11.62 -23.31 3.41
C LYS D 266 -12.36 -24.64 3.36
N PRO D 267 -11.93 -25.55 2.48
CA PRO D 267 -12.70 -26.79 2.23
C PRO D 267 -13.08 -27.61 3.46
N GLU D 268 -12.17 -27.81 4.41
CA GLU D 268 -12.55 -28.59 5.58
C GLU D 268 -13.63 -27.89 6.39
N VAL D 269 -13.52 -26.56 6.54
CA VAL D 269 -14.52 -25.87 7.34
C VAL D 269 -15.84 -25.79 6.60
N ALA D 270 -15.82 -25.72 5.28
CA ALA D 270 -17.08 -25.80 4.53
C ALA D 270 -17.76 -27.14 4.75
N GLN D 271 -16.98 -28.23 4.67
CA GLN D 271 -17.56 -29.56 4.78
C GLN D 271 -18.19 -29.80 6.17
N GLN D 272 -17.49 -29.44 7.23
CA GLN D 272 -18.09 -29.58 8.56
C GLN D 272 -19.33 -28.71 8.70
N THR D 273 -19.35 -27.57 8.04
CA THR D 273 -20.48 -26.67 8.18
C THR D 273 -21.69 -27.22 7.43
N ARG D 274 -21.45 -27.88 6.30
CA ARG D 274 -22.56 -28.51 5.59
C ARG D 274 -23.18 -29.62 6.43
N LYS D 275 -22.35 -30.39 7.16
CA LYS D 275 -22.88 -31.48 7.98
C LYS D 275 -23.65 -30.93 9.18
N ILE D 276 -23.12 -29.89 9.84
CA ILE D 276 -23.86 -29.26 10.93
C ILE D 276 -25.15 -28.65 10.41
N LEU D 277 -25.15 -28.21 9.15
CA LEU D 277 -26.35 -27.60 8.60
C LEU D 277 -27.42 -28.65 8.34
N SER D 278 -27.07 -29.75 7.68
CA SER D 278 -28.08 -30.74 7.36
C SER D 278 -28.55 -31.48 8.60
N ALA D 279 -27.77 -31.44 9.69
CA ALA D 279 -28.30 -31.90 10.96
C ALA D 279 -29.33 -30.91 11.50
N CYS D 280 -29.09 -29.61 11.29
CA CYS D 280 -30.07 -28.60 11.70
C CYS D 280 -31.33 -28.71 10.86
N GLU D 281 -31.18 -29.00 9.58
CA GLU D 281 -32.32 -29.05 8.69
C GLU D 281 -33.22 -30.26 8.97
N LYS D 282 -32.75 -31.25 9.75
CA LYS D 282 -33.53 -32.39 10.20
C LYS D 282 -34.38 -32.08 11.43
N ASN D 283 -34.47 -30.82 11.86
CA ASN D 283 -35.18 -30.46 13.09
C ASN D 283 -35.16 -28.95 13.28
N PRO D 284 -35.68 -28.17 12.34
CA PRO D 284 -35.43 -26.71 12.35
C PRO D 284 -36.21 -25.95 13.42
N THR D 285 -35.98 -26.26 14.70
CA THR D 285 -36.75 -25.70 15.78
C THR D 285 -35.84 -25.06 16.82
N ASP D 286 -36.19 -23.86 17.28
CA ASP D 286 -35.45 -23.21 18.37
C ASP D 286 -36.07 -23.60 19.72
N ALA D 287 -35.25 -24.12 20.61
CA ALA D 287 -35.73 -24.53 21.92
C ALA D 287 -35.98 -23.35 22.86
N TYR D 288 -35.36 -22.20 22.63
CA TYR D 288 -35.46 -21.08 23.55
C TYR D 288 -35.63 -19.77 22.79
N GLN D 289 -36.44 -18.88 23.35
CA GLN D 289 -36.58 -17.51 22.87
C GLN D 289 -35.40 -16.72 23.40
N LEU D 290 -34.50 -16.33 22.52
CA LEU D 290 -33.39 -15.50 22.94
C LEU D 290 -33.68 -14.06 22.60
N ASN D 291 -32.93 -13.16 23.23
CA ASN D 291 -33.04 -11.74 22.92
C ASN D 291 -32.09 -11.42 21.77
N TYR D 292 -32.49 -11.85 20.57
CA TYR D 292 -31.69 -11.64 19.37
C TYR D 292 -32.58 -11.72 18.13
N ASP D 293 -32.64 -10.63 17.34
CA ASP D 293 -33.47 -10.58 16.13
C ASP D 293 -32.60 -10.67 14.88
N MET D 294 -32.79 -11.76 14.14
CA MET D 294 -32.03 -12.04 12.93
C MET D 294 -32.36 -11.03 11.83
N HIS D 295 -33.65 -10.80 11.58
CA HIS D 295 -34.16 -9.88 10.56
C HIS D 295 -34.45 -8.51 11.17
N ASN D 296 -33.44 -7.89 11.79
CA ASN D 296 -33.70 -6.57 12.39
C ASN D 296 -32.40 -5.86 12.75
N PRO D 297 -32.11 -4.71 12.14
CA PRO D 297 -30.83 -4.05 12.37
C PRO D 297 -30.68 -3.52 13.78
N PHE D 298 -29.47 -3.66 14.31
CA PHE D 298 -29.14 -3.13 15.63
C PHE D 298 -27.68 -2.71 15.65
N ASP D 299 -27.31 -1.98 16.68
CA ASP D 299 -25.92 -1.70 17.02
C ASP D 299 -25.64 -2.31 18.39
N ILE D 300 -24.38 -2.64 18.64
CA ILE D 300 -24.00 -3.24 19.91
C ILE D 300 -23.64 -2.15 20.91
N CYS D 301 -24.39 -2.07 22.01
CA CYS D 301 -24.04 -1.14 23.08
C CYS D 301 -22.68 -1.52 23.64
N ALA D 302 -21.67 -0.69 23.42
CA ALA D 302 -20.29 -1.03 23.72
C ALA D 302 -19.95 -0.99 25.20
N ALA D 303 -20.94 -0.86 26.08
CA ALA D 303 -20.74 -0.96 27.52
C ALA D 303 -21.54 -2.08 28.16
N SER D 304 -22.75 -2.37 27.66
CA SER D 304 -23.56 -3.43 28.23
C SER D 304 -23.76 -4.60 27.29
N TYR D 305 -23.35 -4.47 26.03
CA TYR D 305 -23.35 -5.57 25.07
C TYR D 305 -24.75 -6.16 24.91
N ARG D 306 -25.74 -5.29 24.91
CA ARG D 306 -27.08 -5.65 24.50
C ARG D 306 -27.46 -4.88 23.24
N PRO D 307 -28.37 -5.39 22.42
CA PRO D 307 -28.66 -4.75 21.14
C PRO D 307 -29.52 -3.50 21.26
N ILE D 308 -29.20 -2.52 20.41
CA ILE D 308 -29.96 -1.28 20.28
C ILE D 308 -30.50 -1.21 18.86
N TYR D 309 -31.82 -1.37 18.73
CA TYR D 309 -32.43 -1.50 17.41
C TYR D 309 -32.64 -0.13 16.78
N ARG D 310 -32.32 -0.01 15.49
CA ARG D 310 -32.02 1.27 14.83
C ARG D 310 -33.00 2.40 15.14
N GLY D 311 -34.23 2.11 15.53
CA GLY D 311 -35.13 3.19 15.91
C GLY D 311 -34.90 3.74 17.30
N LYS D 312 -34.42 2.91 18.22
CA LYS D 312 -34.39 3.28 19.62
C LYS D 312 -33.31 4.33 19.88
N PRO D 313 -33.38 5.04 21.02
CA PRO D 313 -32.42 6.11 21.29
C PRO D 313 -31.01 5.60 21.58
N VAL D 314 -30.03 6.38 21.14
CA VAL D 314 -28.60 6.09 21.33
C VAL D 314 -27.85 7.36 21.76
N GLU D 315 -26.82 7.17 22.55
CA GLU D 315 -25.78 8.17 22.71
C GLU D 315 -24.50 7.60 22.11
N LYS D 316 -23.74 8.44 21.42
CA LYS D 316 -22.62 7.95 20.66
C LYS D 316 -21.31 8.54 21.15
N CYS D 317 -20.23 7.86 20.83
CA CYS D 317 -18.92 8.44 21.04
C CYS D 317 -18.67 9.49 19.96
N PRO D 318 -18.32 10.72 20.32
CA PRO D 318 -18.21 11.77 19.31
C PRO D 318 -17.05 11.58 18.37
N LEU D 319 -16.12 10.65 18.67
CA LEU D 319 -14.95 10.31 17.86
C LEU D 319 -15.07 9.00 17.10
N SER D 320 -15.43 7.91 17.78
CA SER D 320 -15.39 6.60 17.15
C SER D 320 -16.73 6.16 16.57
N GLY D 321 -17.83 6.67 17.10
CA GLY D 321 -19.13 6.18 16.72
C GLY D 321 -19.60 4.98 17.50
N ALA D 322 -18.95 4.67 18.62
CA ALA D 322 -19.38 3.58 19.48
C ALA D 322 -20.74 3.91 20.05
N CYS D 323 -21.67 2.96 19.95
CA CYS D 323 -23.05 3.21 20.35
C CYS D 323 -23.27 2.77 21.79
N TYR D 324 -24.11 3.53 22.49
CA TYR D 324 -24.37 3.26 23.89
C TYR D 324 -25.84 3.43 24.18
N SER D 325 -26.34 2.63 25.14
CA SER D 325 -27.64 2.91 25.69
C SER D 325 -27.58 4.17 26.54
N PRO D 326 -28.67 4.93 26.64
CA PRO D 326 -28.58 6.30 27.16
C PRO D 326 -28.09 6.41 28.60
N GLU D 327 -28.20 5.36 29.42
CA GLU D 327 -27.77 5.47 30.81
C GLU D 327 -26.33 5.94 30.91
N PHE D 328 -25.53 5.67 29.89
CA PHE D 328 -24.09 5.86 29.96
C PHE D 328 -23.66 7.23 29.48
N LYS D 329 -24.60 8.05 28.98
CA LYS D 329 -24.24 9.38 28.51
C LYS D 329 -23.47 10.13 29.58
N GLY D 330 -22.33 10.68 29.20
CA GLY D 330 -21.46 11.38 30.12
C GLY D 330 -20.30 10.57 30.65
N GLN D 331 -20.31 9.24 30.46
CA GLN D 331 -19.22 8.39 30.92
C GLN D 331 -18.13 8.25 29.87
N ILE D 332 -17.05 7.57 30.25
CA ILE D 332 -15.87 7.38 29.41
C ILE D 332 -16.09 6.18 28.48
N CYS D 333 -15.99 6.42 27.17
CA CYS D 333 -16.23 5.40 26.17
C CYS D 333 -15.30 4.21 26.38
N ARG D 334 -15.89 3.02 26.51
CA ARG D 334 -15.10 1.81 26.78
C ARG D 334 -14.25 1.43 25.58
N VAL D 335 -14.66 1.85 24.38
CA VAL D 335 -13.88 1.60 23.17
C VAL D 335 -12.66 2.50 23.13
N THR D 336 -12.92 3.80 23.16
CA THR D 336 -11.90 4.81 23.00
C THR D 336 -11.05 4.97 24.25
N THR D 337 -11.67 4.86 25.42
CA THR D 337 -11.09 4.91 26.77
C THR D 337 -10.78 6.35 27.22
N VAL D 338 -11.04 7.38 26.39
CA VAL D 338 -10.70 8.77 26.68
C VAL D 338 -11.82 9.78 26.38
N THR D 339 -12.94 9.37 25.80
CA THR D 339 -13.95 10.31 25.35
C THR D 339 -15.22 10.26 26.19
N GLU D 340 -16.04 11.30 26.00
CA GLU D 340 -17.30 11.52 26.70
C GLU D 340 -18.45 11.10 25.80
N ILE D 341 -19.22 10.09 26.22
CA ILE D 341 -20.30 9.56 25.41
C ILE D 341 -21.38 10.62 25.21
N GLY D 342 -21.67 10.94 23.96
CA GLY D 342 -22.78 11.82 23.63
C GLY D 342 -22.49 13.30 23.67
N LYS D 343 -21.23 13.70 23.87
CA LYS D 343 -20.92 15.11 23.83
C LYS D 343 -21.03 15.65 22.41
N ASP D 344 -21.62 16.83 22.26
CA ASP D 344 -21.61 17.50 20.97
C ASP D 344 -20.27 18.20 20.78
N VAL D 345 -19.64 17.92 19.63
CA VAL D 345 -18.29 18.38 19.34
C VAL D 345 -18.25 18.89 17.90
N ILE D 346 -17.21 19.67 17.62
CA ILE D 346 -17.00 20.24 16.28
C ILE D 346 -16.89 19.14 15.23
N GLY D 347 -16.20 18.05 15.56
CA GLY D 347 -15.84 17.04 14.57
C GLY D 347 -14.34 16.90 14.39
N LEU D 348 -13.89 15.73 13.91
CA LEU D 348 -12.48 15.49 13.64
C LEU D 348 -11.87 16.59 12.77
N ARG D 349 -10.67 17.04 13.17
CA ARG D 349 -9.90 18.03 12.42
C ARG D 349 -8.48 17.52 12.26
N ILE D 350 -8.06 17.29 11.01
CA ILE D 350 -6.75 16.74 10.69
C ILE D 350 -6.23 17.26 9.36
N SER D 351 -6.69 18.44 8.94
CA SER D 351 -6.23 18.96 7.66
C SER D 351 -6.38 20.47 7.63
N PRO D 352 -5.46 21.19 6.98
CA PRO D 352 -5.70 22.62 6.72
C PRO D 352 -6.97 22.93 5.94
N LEU D 353 -7.44 22.01 5.09
CA LEU D 353 -8.70 22.21 4.35
C LEU D 353 -9.84 22.70 5.22
N GLN D 354 -9.96 22.15 6.41
CA GLN D 354 -11.13 22.37 7.25
C GLN D 354 -11.12 23.74 7.93
N PHE D 355 -10.23 24.66 7.48
CA PHE D 355 -10.16 26.03 7.95
C PHE D 355 -9.91 26.93 6.72
N ARG D 356 -10.89 27.01 5.83
CA ARG D 356 -10.77 27.69 4.53
C ARG D 356 -10.59 29.21 4.65
#